data_3PW7
#
_entry.id   3PW7
#
_cell.length_a   52.151
_cell.length_b   99.793
_cell.length_c   52.124
_cell.angle_alpha   75.02
_cell.angle_beta   70.95
_cell.angle_gamma   80.91
#
_symmetry.space_group_name_H-M   'P 1'
#
loop_
_entity.id
_entity.type
_entity.pdbx_description
1 polymer 'DNA polymerase IV'
2 polymer "DNA (5'-D(*AP*TP*TP*GP*AP*AP*TP*CP*CP*TP*TP*CP*CP*CP*CP*C)-3')"
3 polymer "DNA (5'-D(*GP*GP*GP*GP*GP*AP*AP*GP*GP*AP*TP*T)-3')"
4 non-polymer "2'-DEOXYCYTIDINE-5'-TRIPHOSPHATE"
5 non-polymer 'CALCIUM ION'
6 non-polymer '8,9-DIHYDRO-9-HYDROXY-AFLATOXIN B1'
7 water water
#
loop_
_entity_poly.entity_id
_entity_poly.type
_entity_poly.pdbx_seq_one_letter_code
_entity_poly.pdbx_strand_id
1 'polypeptide(L)'
;HHHHHHMIVLFVDFDYFYAQVEEVLNPSLKGKPVVVCVFSGRFEDSGAVATANYEARKFGVKAGIPIVEAKKILPNAVYL
PMRKEVYQQVSSRIMNLLREYSEKIEIASIDEAYLDISDKVRDYREAYNLGLEIKNKILEKEKITVTVGISKNKVFAKIA
ADMAKPNGIKVIDDEEVKRLIRELDIADVPGIGNITAEKLKKLGINKLVDTLSIEFDKLKGMIGEAKAKYLISLARDEYN
EPIRTRVRKSIGRIVTMKRNSRNLEEIKPYLFRAIEESYYKLDKRIPKAIHVVAVTEDLDIVSRGRTFPHGISKETAYSE
SVKLLQKILEEDERKIRRIGVRFSKFI
;
A,E
2 'polydeoxyribonucleotide' (DA)(DT)(DT)(DG)(DA)(DA)(DT)(DC)(DC)(DT)(DT)(DC)(DC)(DC)(DC)(DC) B,F
3 'polydeoxyribonucleotide' (DG)(DG)(DG)(DG)(DG)(DA)(DA)(DG)(DG)(DA)(DT)(DT) C,G
#
loop_
_chem_comp.id
_chem_comp.type
_chem_comp.name
_chem_comp.formula
AFN non-polymer '8,9-DIHYDRO-9-HYDROXY-AFLATOXIN B1' 'C17 H14 O7'
CA non-polymer 'CALCIUM ION' 'Ca 2'
DA DNA linking 2'-DEOXYADENOSINE-5'-MONOPHOSPHATE 'C10 H14 N5 O6 P'
DC DNA linking 2'-DEOXYCYTIDINE-5'-MONOPHOSPHATE 'C9 H14 N3 O7 P'
DCP non-polymer 2'-DEOXYCYTIDINE-5'-TRIPHOSPHATE 'C9 H16 N3 O13 P3'
DG DNA linking 2'-DEOXYGUANOSINE-5'-MONOPHOSPHATE 'C10 H14 N5 O7 P'
DT DNA linking THYMIDINE-5'-MONOPHOSPHATE 'C10 H15 N2 O8 P'
#
# COMPACT_ATOMS: atom_id res chain seq x y z
N HIS A 5 33.08 32.86 27.13
CA HIS A 5 33.16 31.99 28.34
C HIS A 5 32.82 30.54 28.03
N HIS A 6 32.45 30.29 26.77
CA HIS A 6 32.11 28.94 26.31
C HIS A 6 31.46 28.95 24.91
N MET A 7 30.55 28.00 24.67
CA MET A 7 29.90 27.89 23.38
C MET A 7 28.37 27.89 23.45
N ILE A 8 27.74 28.35 22.36
CA ILE A 8 26.28 28.44 22.26
C ILE A 8 25.75 27.56 21.13
N VAL A 9 25.01 26.51 21.48
CA VAL A 9 24.47 25.58 20.48
C VAL A 9 23.01 25.83 20.17
N LEU A 10 22.72 26.18 18.93
CA LEU A 10 21.34 26.41 18.50
C LEU A 10 20.85 25.15 17.79
N PHE A 11 19.80 24.53 18.34
CA PHE A 11 19.20 23.30 17.82
C PHE A 11 17.78 23.52 17.26
N VAL A 12 17.62 23.30 15.95
CA VAL A 12 16.33 23.44 15.29
C VAL A 12 15.70 22.07 15.08
N ASP A 13 14.43 21.92 15.45
CA ASP A 13 13.73 20.64 15.30
C ASP A 13 12.30 20.77 14.78
N PHE A 14 12.09 20.39 13.53
CA PHE A 14 10.79 20.48 12.86
C PHE A 14 9.67 19.80 13.63
N ASP A 15 8.51 20.43 13.64
CA ASP A 15 7.32 19.95 14.36
C ASP A 15 6.53 18.91 13.57
N TYR A 16 6.25 17.76 14.19
CA TYR A 16 5.51 16.66 13.57
C TYR A 16 5.73 16.66 12.06
N PHE A 17 6.94 17.08 11.70
CA PHE A 17 7.37 17.24 10.34
C PHE A 17 6.65 16.50 9.23
N TYR A 18 6.76 15.17 9.21
CA TYR A 18 6.13 14.38 8.16
C TYR A 18 4.67 14.79 7.99
N ALA A 19 3.90 14.76 9.06
CA ALA A 19 2.51 15.16 8.98
C ALA A 19 2.41 16.63 8.58
N GLN A 20 3.20 17.48 9.21
CA GLN A 20 3.11 18.90 8.85
C GLN A 20 3.39 19.16 7.39
N VAL A 21 4.10 18.27 6.71
CA VAL A 21 4.38 18.52 5.31
C VAL A 21 3.17 18.11 4.50
N GLU A 22 2.32 17.27 5.09
CA GLU A 22 1.13 16.85 4.37
C GLU A 22 0.16 18.01 4.35
N GLU A 23 0.05 18.69 5.48
CA GLU A 23 -0.81 19.85 5.59
C GLU A 23 -0.35 20.94 4.62
N VAL A 24 0.90 21.37 4.75
CA VAL A 24 1.45 22.42 3.88
C VAL A 24 1.17 22.19 2.39
N LEU A 25 0.83 20.95 2.01
CA LEU A 25 0.56 20.68 0.60
C LEU A 25 -0.92 20.52 0.37
N ASN A 26 -1.64 20.18 1.43
CA ASN A 26 -3.07 19.93 1.34
C ASN A 26 -3.77 20.41 2.61
N PRO A 27 -3.98 21.73 2.76
CA PRO A 27 -4.64 22.23 3.99
C PRO A 27 -6.05 21.69 4.19
N SER A 28 -6.54 20.93 3.22
CA SER A 28 -7.84 20.30 3.34
C SER A 28 -7.72 19.29 4.50
N LEU A 29 -6.70 19.49 5.33
CA LEU A 29 -6.38 18.62 6.46
C LEU A 29 -6.10 19.33 7.79
N LYS A 30 -5.56 20.54 7.75
CA LYS A 30 -5.25 21.25 8.99
C LYS A 30 -6.41 21.19 10.00
N GLY A 31 -6.07 21.21 11.28
CA GLY A 31 -7.09 21.15 12.29
C GLY A 31 -7.47 19.70 12.54
N LYS A 32 -7.78 18.99 11.46
CA LYS A 32 -8.14 17.58 11.56
C LYS A 32 -6.93 16.74 11.96
N PRO A 33 -7.15 15.56 12.54
CA PRO A 33 -6.06 14.68 12.96
C PRO A 33 -5.46 13.89 11.80
N VAL A 34 -4.21 14.20 11.44
CA VAL A 34 -3.48 13.54 10.34
C VAL A 34 -2.50 12.42 10.80
N VAL A 35 -2.63 11.23 10.19
CA VAL A 35 -1.75 10.09 10.54
C VAL A 35 -0.94 9.59 9.36
N VAL A 36 0.37 9.72 9.44
CA VAL A 36 1.26 9.26 8.37
C VAL A 36 1.70 7.79 8.58
N CYS A 37 1.24 6.91 7.70
CA CYS A 37 1.54 5.48 7.81
C CYS A 37 2.53 4.90 6.82
N VAL A 38 2.76 3.59 6.99
CA VAL A 38 3.60 2.79 6.13
C VAL A 38 3.00 1.37 6.25
N PHE A 39 2.78 0.72 5.11
CA PHE A 39 2.21 -0.62 5.09
C PHE A 39 3.04 -1.55 4.21
N SER A 40 2.34 -2.40 3.44
CA SER A 40 2.98 -3.37 2.51
C SER A 40 2.00 -4.20 1.67
N GLY A 41 0.73 -3.84 1.66
CA GLY A 41 -0.21 -4.64 0.89
C GLY A 41 -0.30 -6.02 1.53
N ARG A 42 0.18 -6.10 2.77
CA ARG A 42 0.14 -7.36 3.51
C ARG A 42 -1.32 -7.81 3.66
N PHE A 43 -1.98 -7.37 4.73
CA PHE A 43 -3.39 -7.72 4.98
C PHE A 43 -4.32 -6.61 4.52
N GLU A 44 -3.84 -5.37 4.69
CA GLU A 44 -4.55 -4.12 4.37
C GLU A 44 -4.65 -3.35 5.70
N ASP A 45 -4.23 -2.09 5.69
CA ASP A 45 -4.26 -1.27 6.91
C ASP A 45 -3.30 -1.87 7.93
N SER A 46 -2.32 -2.61 7.43
CA SER A 46 -1.32 -3.24 8.28
C SER A 46 0.00 -2.49 8.14
N GLY A 47 0.71 -2.34 9.25
CA GLY A 47 1.97 -1.64 9.24
C GLY A 47 2.19 -0.89 10.54
N ALA A 48 2.86 0.25 10.46
CA ALA A 48 3.11 1.06 11.66
C ALA A 48 3.08 2.54 11.36
N VAL A 49 2.71 3.32 12.37
CA VAL A 49 2.65 4.75 12.21
C VAL A 49 4.06 5.32 12.09
N ALA A 50 4.19 6.43 11.37
CA ALA A 50 5.49 7.06 11.22
C ALA A 50 5.52 8.29 12.12
N THR A 51 4.41 9.02 12.12
CA THR A 51 4.27 10.22 12.92
C THR A 51 2.87 10.71 12.70
N ALA A 52 2.38 11.52 13.63
CA ALA A 52 1.03 12.07 13.58
C ALA A 52 1.03 13.49 14.14
N ASN A 53 0.20 14.38 13.57
CA ASN A 53 0.15 15.76 14.10
C ASN A 53 -0.35 15.70 15.53
N TYR A 54 -0.31 16.84 16.21
CA TYR A 54 -0.73 16.89 17.60
C TYR A 54 -2.20 16.64 17.90
N GLU A 55 -3.06 16.88 16.94
CA GLU A 55 -4.48 16.67 17.18
C GLU A 55 -4.82 15.21 17.10
N ALA A 56 -3.81 14.37 16.93
CA ALA A 56 -4.01 12.92 16.85
C ALA A 56 -3.23 12.24 17.96
N ARG A 57 -2.22 12.93 18.48
CA ARG A 57 -1.45 12.37 19.57
C ARG A 57 -2.24 12.41 20.88
N LYS A 58 -2.93 13.52 21.16
CA LYS A 58 -3.71 13.62 22.39
C LYS A 58 -4.48 12.33 22.64
N PHE A 59 -4.87 11.65 21.55
CA PHE A 59 -5.68 10.43 21.65
C PHE A 59 -4.95 9.09 21.67
N GLY A 60 -3.62 9.13 21.68
CA GLY A 60 -2.86 7.89 21.70
C GLY A 60 -2.55 7.40 20.30
N VAL A 61 -2.04 8.27 19.43
CA VAL A 61 -1.67 7.87 18.08
C VAL A 61 -0.29 8.39 17.73
N LYS A 62 0.70 7.86 18.46
CA LYS A 62 2.09 8.24 18.26
C LYS A 62 2.77 7.29 17.27
N ALA A 63 4.00 7.61 16.90
CA ALA A 63 4.77 6.80 15.96
C ALA A 63 5.17 5.51 16.63
N GLY A 64 5.25 4.44 15.85
CA GLY A 64 5.61 3.15 16.41
C GLY A 64 4.46 2.18 16.40
N ILE A 65 3.31 2.60 16.94
CA ILE A 65 2.12 1.77 17.01
C ILE A 65 1.57 1.37 15.64
N PRO A 66 1.11 0.10 15.51
CA PRO A 66 0.57 -0.43 14.27
C PRO A 66 -0.65 0.38 13.80
N ILE A 67 -0.65 0.78 12.53
CA ILE A 67 -1.74 1.57 12.00
C ILE A 67 -3.07 0.87 12.28
N VAL A 68 -2.98 -0.41 12.61
CA VAL A 68 -4.16 -1.24 12.89
C VAL A 68 -4.92 -0.89 14.17
N GLU A 69 -4.20 -0.79 15.29
CA GLU A 69 -4.82 -0.45 16.55
C GLU A 69 -5.11 1.04 16.59
N ALA A 70 -4.52 1.78 15.65
CA ALA A 70 -4.72 3.22 15.57
C ALA A 70 -6.13 3.51 15.07
N LYS A 71 -6.57 2.75 14.08
CA LYS A 71 -7.90 2.90 13.53
C LYS A 71 -8.95 2.80 14.65
N LYS A 72 -8.76 1.83 15.54
CA LYS A 72 -9.68 1.62 16.67
C LYS A 72 -9.56 2.73 17.69
N ILE A 73 -8.68 3.70 17.41
CA ILE A 73 -8.51 4.83 18.29
C ILE A 73 -9.00 6.08 17.57
N LEU A 74 -8.76 6.14 16.27
CA LEU A 74 -9.21 7.28 15.46
C LEU A 74 -9.65 6.85 14.07
N PRO A 75 -10.78 6.13 13.95
CA PRO A 75 -11.27 5.69 12.64
C PRO A 75 -11.69 6.90 11.84
N ASN A 76 -11.85 8.02 12.54
CA ASN A 76 -12.27 9.27 11.95
C ASN A 76 -11.10 9.95 11.23
N ALA A 77 -9.94 9.97 11.89
CA ALA A 77 -8.73 10.61 11.38
C ALA A 77 -8.34 10.26 9.96
N VAL A 78 -7.61 11.18 9.32
CA VAL A 78 -7.12 10.98 7.95
C VAL A 78 -5.81 10.19 7.94
N TYR A 79 -5.79 9.10 7.19
CA TYR A 79 -4.60 8.28 7.08
C TYR A 79 -3.91 8.44 5.73
N LEU A 80 -2.63 8.76 5.77
CA LEU A 80 -1.88 8.96 4.54
C LEU A 80 -0.65 8.11 4.44
N PRO A 81 -0.46 7.48 3.28
CA PRO A 81 0.70 6.63 3.06
C PRO A 81 1.85 7.63 3.14
N MET A 82 3.01 7.18 3.56
CA MET A 82 4.14 8.07 3.68
C MET A 82 4.86 8.32 2.38
N ARG A 83 5.31 9.56 2.18
CA ARG A 83 6.05 9.94 0.98
C ARG A 83 7.42 10.44 1.43
N LYS A 84 8.19 9.55 2.04
CA LYS A 84 9.52 9.91 2.54
C LYS A 84 10.31 10.79 1.57
N GLU A 85 10.11 10.59 0.27
CA GLU A 85 10.82 11.35 -0.73
C GLU A 85 10.43 12.82 -0.67
N VAL A 86 9.14 13.09 -0.49
CA VAL A 86 8.63 14.46 -0.42
C VAL A 86 9.21 15.20 0.79
N TYR A 87 9.06 14.62 1.96
CA TYR A 87 9.59 15.23 3.17
C TYR A 87 11.08 15.49 3.05
N GLN A 88 11.78 14.67 2.28
CA GLN A 88 13.21 14.83 2.13
C GLN A 88 13.60 16.07 1.32
N GLN A 89 12.76 16.48 0.37
CA GLN A 89 13.07 17.67 -0.45
C GLN A 89 12.81 18.93 0.39
N VAL A 90 11.77 18.87 1.20
CA VAL A 90 11.43 19.97 2.07
C VAL A 90 12.64 20.12 2.99
N SER A 91 12.97 19.04 3.69
CA SER A 91 14.07 19.02 4.63
C SER A 91 15.40 19.52 4.06
N SER A 92 15.75 19.10 2.86
CA SER A 92 17.01 19.56 2.30
C SER A 92 16.96 21.05 2.02
N ARG A 93 15.75 21.58 1.90
CA ARG A 93 15.57 23.02 1.64
C ARG A 93 15.71 23.81 2.95
N ILE A 94 15.11 23.34 4.03
CA ILE A 94 15.24 24.02 5.31
C ILE A 94 16.70 23.99 5.75
N MET A 95 17.30 22.81 5.66
CA MET A 95 18.69 22.60 6.02
C MET A 95 19.59 23.60 5.27
N ASN A 96 19.45 23.70 3.95
CA ASN A 96 20.30 24.64 3.23
C ASN A 96 20.13 26.06 3.72
N LEU A 97 18.95 26.36 4.26
CA LEU A 97 18.71 27.70 4.77
C LEU A 97 19.58 27.87 6.01
N LEU A 98 19.39 27.00 7.00
CA LEU A 98 20.18 27.04 8.22
C LEU A 98 21.64 27.22 7.84
N ARG A 99 22.06 26.55 6.76
CA ARG A 99 23.44 26.61 6.30
C ARG A 99 23.99 28.02 6.16
N GLU A 100 23.13 29.02 6.31
CA GLU A 100 23.60 30.38 6.21
C GLU A 100 23.33 31.24 7.44
N TYR A 101 23.46 30.60 8.59
CA TYR A 101 23.30 31.26 9.87
C TYR A 101 24.53 30.77 10.66
N SER A 102 25.23 29.81 10.06
CA SER A 102 26.42 29.21 10.63
C SER A 102 26.92 28.07 9.73
N GLU A 103 28.17 28.16 9.30
CA GLU A 103 28.77 27.13 8.46
C GLU A 103 29.14 25.93 9.36
N LYS A 104 28.88 26.10 10.66
CA LYS A 104 29.16 25.09 11.67
C LYS A 104 27.93 24.25 11.88
N ILE A 105 27.40 23.64 10.83
CA ILE A 105 26.20 22.85 11.00
C ILE A 105 26.47 21.35 11.09
N GLU A 106 25.52 20.62 11.66
CA GLU A 106 25.64 19.17 11.76
C GLU A 106 24.53 18.47 10.96
N ILE A 107 23.34 18.34 11.55
CA ILE A 107 22.19 17.65 10.92
C ILE A 107 22.05 16.25 11.50
N ALA A 108 21.54 16.15 12.73
CA ALA A 108 21.37 14.85 13.36
C ALA A 108 20.57 13.91 12.49
N SER A 109 19.49 14.42 11.92
CA SER A 109 18.66 13.60 11.06
C SER A 109 17.95 14.44 10.03
N ILE A 110 16.91 13.88 9.44
CA ILE A 110 16.13 14.54 8.42
C ILE A 110 15.45 15.83 8.94
N ASP A 111 15.17 15.90 10.23
CA ASP A 111 14.52 17.09 10.77
C ASP A 111 15.25 17.74 11.94
N GLU A 112 16.53 17.44 12.10
CA GLU A 112 17.30 18.02 13.20
C GLU A 112 18.63 18.52 12.73
N ALA A 113 18.98 19.72 13.17
CA ALA A 113 20.25 20.29 12.82
C ALA A 113 20.70 20.88 14.12
N TYR A 114 22.02 20.98 14.28
CA TYR A 114 22.62 21.58 15.46
C TYR A 114 23.52 22.66 14.87
N LEU A 115 23.31 23.91 15.27
CA LEU A 115 24.15 24.98 14.75
C LEU A 115 25.04 25.52 15.86
N ASP A 116 26.27 25.88 15.49
CA ASP A 116 27.25 26.41 16.43
C ASP A 116 27.33 27.91 16.22
N ILE A 117 26.40 28.64 16.81
CA ILE A 117 26.35 30.10 16.65
C ILE A 117 27.25 30.89 17.58
N SER A 118 28.18 30.21 18.23
CA SER A 118 29.11 30.87 19.15
C SER A 118 29.81 32.03 18.48
N ASP A 119 30.06 31.90 17.16
CA ASP A 119 30.73 32.92 16.36
C ASP A 119 29.87 34.14 15.99
N LYS A 120 28.55 34.02 16.12
CA LYS A 120 27.66 35.14 15.77
C LYS A 120 26.69 35.52 16.89
N VAL A 121 27.04 35.22 18.13
CA VAL A 121 26.17 35.56 19.24
C VAL A 121 26.96 35.76 20.55
N ARG A 122 27.16 37.04 20.91
CA ARG A 122 27.90 37.42 22.10
C ARG A 122 27.28 36.91 23.40
N ASP A 123 25.99 36.61 23.36
CA ASP A 123 25.31 36.14 24.56
C ASP A 123 23.95 35.55 24.20
N TYR A 124 23.37 34.78 25.11
CA TYR A 124 22.07 34.16 24.85
C TYR A 124 20.99 35.13 24.36
N ARG A 125 21.12 36.40 24.75
CA ARG A 125 20.15 37.42 24.35
C ARG A 125 20.05 37.47 22.84
N GLU A 126 21.19 37.63 22.18
CA GLU A 126 21.25 37.71 20.73
C GLU A 126 21.04 36.34 20.08
N ALA A 127 21.20 35.28 20.88
CA ALA A 127 21.03 33.92 20.39
C ALA A 127 19.56 33.75 20.08
N TYR A 128 18.76 34.08 21.09
CA TYR A 128 17.31 34.02 20.98
C TYR A 128 16.94 34.89 19.79
N ASN A 129 17.64 36.01 19.66
CA ASN A 129 17.40 36.94 18.57
C ASN A 129 17.51 36.20 17.24
N LEU A 130 18.55 35.40 17.09
CA LEU A 130 18.76 34.63 15.86
C LEU A 130 17.76 33.48 15.93
N GLY A 131 17.53 33.02 17.15
CA GLY A 131 16.59 31.94 17.35
C GLY A 131 15.29 32.25 16.65
N LEU A 132 14.98 33.55 16.51
CA LEU A 132 13.75 33.94 15.85
C LEU A 132 13.87 34.37 14.40
N GLU A 133 14.97 34.98 14.00
CA GLU A 133 15.07 35.33 12.60
C GLU A 133 14.90 33.99 11.89
N ILE A 134 15.51 32.96 12.47
CA ILE A 134 15.47 31.61 11.92
C ILE A 134 14.08 31.00 11.85
N LYS A 135 13.42 30.86 12.99
CA LYS A 135 12.08 30.29 13.00
C LYS A 135 11.19 30.96 11.96
N ASN A 136 11.31 32.28 11.84
CA ASN A 136 10.52 33.03 10.89
C ASN A 136 10.92 32.76 9.43
N LYS A 137 12.22 32.78 9.14
CA LYS A 137 12.66 32.49 7.77
C LYS A 137 12.13 31.12 7.35
N ILE A 138 12.38 30.12 8.18
CA ILE A 138 11.93 28.79 7.85
C ILE A 138 10.43 28.85 7.57
N LEU A 139 9.65 29.41 8.51
CA LEU A 139 8.19 29.52 8.33
C LEU A 139 7.76 30.37 7.14
N GLU A 140 8.63 31.27 6.69
CA GLU A 140 8.33 32.13 5.56
C GLU A 140 8.52 31.41 4.24
N LYS A 141 9.72 30.89 4.03
CA LYS A 141 10.03 30.21 2.78
C LYS A 141 9.71 28.71 2.72
N GLU A 142 8.91 28.22 3.67
CA GLU A 142 8.56 26.80 3.70
C GLU A 142 7.23 26.52 4.37
N LYS A 143 6.70 27.53 5.05
CA LYS A 143 5.43 27.36 5.74
C LYS A 143 5.45 26.17 6.68
N ILE A 144 6.59 25.98 7.36
CA ILE A 144 6.77 24.91 8.35
C ILE A 144 7.19 25.51 9.69
N THR A 145 6.61 25.01 10.77
CA THR A 145 6.98 25.50 12.09
C THR A 145 8.04 24.55 12.69
N VAL A 146 9.00 25.14 13.39
CA VAL A 146 10.09 24.39 14.01
C VAL A 146 10.34 24.90 15.42
N THR A 147 10.69 24.00 16.33
CA THR A 147 10.99 24.38 17.70
C THR A 147 12.50 24.58 17.81
N VAL A 148 12.93 25.56 18.59
CA VAL A 148 14.36 25.82 18.72
C VAL A 148 14.86 25.65 20.14
N GLY A 149 16.09 25.18 20.25
CA GLY A 149 16.70 24.97 21.55
C GLY A 149 18.03 25.69 21.60
N ILE A 150 18.37 26.26 22.75
CA ILE A 150 19.63 26.97 22.88
C ILE A 150 20.31 26.70 24.23
N SER A 151 21.63 26.47 24.19
CA SER A 151 22.39 26.20 25.39
C SER A 151 23.89 26.13 25.14
N LYS A 152 24.62 25.64 26.13
CA LYS A 152 26.08 25.53 26.07
C LYS A 152 26.63 24.35 25.25
N ASN A 153 25.83 23.30 25.09
CA ASN A 153 26.27 22.14 24.32
C ASN A 153 25.10 21.43 23.61
N LYS A 154 25.41 20.73 22.52
CA LYS A 154 24.43 20.01 21.75
C LYS A 154 23.40 19.21 22.54
N VAL A 155 23.84 18.52 23.59
CA VAL A 155 22.87 17.73 24.33
C VAL A 155 21.75 18.54 24.97
N PHE A 156 22.12 19.58 25.71
CA PHE A 156 21.14 20.40 26.40
C PHE A 156 20.28 21.25 25.49
N ALA A 157 20.85 21.69 24.36
CA ALA A 157 20.09 22.49 23.41
C ALA A 157 18.93 21.63 22.92
N LYS A 158 19.18 20.33 22.76
CA LYS A 158 18.15 19.43 22.30
C LYS A 158 17.12 19.32 23.41
N ILE A 159 17.55 18.90 24.59
CA ILE A 159 16.63 18.80 25.72
C ILE A 159 15.76 20.04 25.78
N ALA A 160 16.33 21.19 25.44
CA ALA A 160 15.59 22.43 25.47
C ALA A 160 14.43 22.30 24.50
N ALA A 161 14.77 22.21 23.22
CA ALA A 161 13.78 22.07 22.17
C ALA A 161 12.65 21.12 22.56
N ASP A 162 13.01 19.97 23.11
CA ASP A 162 12.01 18.98 23.49
C ASP A 162 11.12 19.41 24.66
N MET A 163 11.23 20.67 25.06
CA MET A 163 10.44 21.20 26.17
C MET A 163 9.60 22.35 25.62
N ALA A 164 10.21 23.14 24.74
CA ALA A 164 9.56 24.29 24.13
C ALA A 164 8.64 23.90 22.97
N LYS A 165 8.77 22.67 22.49
CA LYS A 165 7.92 22.22 21.40
C LYS A 165 6.49 22.04 21.94
N PRO A 166 5.46 22.21 21.09
CA PRO A 166 5.57 22.54 19.66
C PRO A 166 5.56 24.02 19.34
N ASN A 167 6.10 24.34 18.18
CA ASN A 167 6.18 25.70 17.68
C ASN A 167 7.03 26.66 18.51
N GLY A 168 7.44 26.23 19.70
CA GLY A 168 8.22 27.09 20.58
C GLY A 168 9.68 27.39 20.27
N ILE A 169 10.35 27.90 21.30
CA ILE A 169 11.77 28.27 21.33
C ILE A 169 12.06 28.33 22.82
N LYS A 170 13.31 28.11 23.21
CA LYS A 170 13.69 28.09 24.65
C LYS A 170 15.19 28.24 24.87
N VAL A 171 15.57 28.58 26.09
CA VAL A 171 16.98 28.74 26.41
C VAL A 171 17.30 28.09 27.74
N ILE A 172 18.56 27.71 27.89
CA ILE A 172 19.02 27.11 29.12
C ILE A 172 20.39 27.68 29.46
N ASP A 173 20.37 28.65 30.38
CA ASP A 173 21.59 29.30 30.84
C ASP A 173 22.22 28.43 31.90
N ASP A 174 23.55 28.47 31.97
CA ASP A 174 24.32 27.68 32.90
C ASP A 174 23.58 27.37 34.20
N GLU A 175 22.77 28.32 34.64
CA GLU A 175 22.00 28.12 35.86
C GLU A 175 20.94 27.00 35.71
N GLU A 176 20.08 27.12 34.70
CA GLU A 176 19.02 26.12 34.43
C GLU A 176 19.61 24.74 34.17
N VAL A 177 20.83 24.70 33.64
CA VAL A 177 21.49 23.43 33.39
C VAL A 177 21.62 22.74 34.73
N LYS A 178 22.40 23.33 35.63
CA LYS A 178 22.60 22.74 36.95
C LYS A 178 21.29 22.32 37.58
N ARG A 179 20.23 23.08 37.32
CA ARG A 179 18.93 22.77 37.90
C ARG A 179 18.35 21.53 37.25
N LEU A 180 18.64 21.35 35.96
CA LEU A 180 18.16 20.19 35.23
C LEU A 180 19.06 18.99 35.52
N ILE A 181 20.35 19.25 35.68
CA ILE A 181 21.29 18.16 35.96
C ILE A 181 20.90 17.45 37.27
N ARG A 182 20.11 18.11 38.11
CA ARG A 182 19.71 17.51 39.37
C ARG A 182 18.21 17.25 39.42
N GLU A 183 17.46 17.82 38.48
CA GLU A 183 16.02 17.66 38.48
C GLU A 183 15.38 16.93 37.30
N LEU A 184 15.96 17.06 36.12
CA LEU A 184 15.41 16.38 34.96
C LEU A 184 15.39 14.87 35.20
N ASP A 185 14.33 14.22 34.73
CA ASP A 185 14.21 12.78 34.87
C ASP A 185 15.39 12.16 34.13
N ILE A 186 15.59 10.85 34.25
CA ILE A 186 16.69 10.21 33.56
C ILE A 186 16.24 9.74 32.18
N ALA A 187 15.08 9.09 32.13
CA ALA A 187 14.53 8.57 30.88
C ALA A 187 14.26 9.68 29.87
N ASP A 188 14.77 10.88 30.15
CA ASP A 188 14.60 12.02 29.28
C ASP A 188 15.92 12.53 28.73
N VAL A 189 17.02 11.99 29.20
CA VAL A 189 18.32 12.43 28.73
C VAL A 189 18.58 11.85 27.34
N PRO A 190 18.78 12.71 26.32
CA PRO A 190 19.02 12.20 24.98
C PRO A 190 20.05 11.06 24.92
N GLY A 191 19.60 9.92 24.43
CA GLY A 191 20.47 8.75 24.31
C GLY A 191 20.09 7.61 25.24
N ILE A 192 19.01 7.80 25.99
CA ILE A 192 18.57 6.77 26.92
C ILE A 192 17.18 6.27 26.55
N GLY A 193 17.04 4.95 26.51
CA GLY A 193 15.77 4.30 26.19
C GLY A 193 15.38 3.46 27.38
N ASN A 194 14.18 2.88 27.36
CA ASN A 194 13.72 2.07 28.49
C ASN A 194 14.72 1.03 28.98
N ILE A 195 15.43 0.39 28.05
CA ILE A 195 16.39 -0.64 28.42
C ILE A 195 17.42 -0.10 29.40
N THR A 196 18.06 1.01 29.04
CA THR A 196 19.05 1.62 29.91
C THR A 196 18.33 2.36 31.03
N ALA A 197 17.04 2.63 30.80
CA ALA A 197 16.22 3.34 31.78
C ALA A 197 15.83 2.43 32.94
N GLU A 198 16.29 1.17 32.91
CA GLU A 198 16.00 0.24 33.99
C GLU A 198 17.19 0.11 34.92
N LYS A 199 18.36 -0.17 34.35
CA LYS A 199 19.59 -0.33 35.12
C LYS A 199 19.81 0.90 35.98
N LEU A 200 19.67 2.07 35.37
CA LEU A 200 19.86 3.33 36.07
C LEU A 200 18.82 3.51 37.18
N LYS A 201 17.56 3.33 36.83
CA LYS A 201 16.45 3.47 37.79
C LYS A 201 16.87 2.87 39.13
N LYS A 202 16.66 1.57 39.30
CA LYS A 202 17.01 0.88 40.52
C LYS A 202 18.51 0.56 40.60
N LEU A 203 19.26 1.45 41.24
CA LEU A 203 20.70 1.30 41.41
C LEU A 203 21.27 2.58 42.03
N GLY A 204 20.36 3.50 42.37
CA GLY A 204 20.77 4.75 42.96
C GLY A 204 20.61 5.88 41.97
N ILE A 205 20.03 5.57 40.80
CA ILE A 205 19.82 6.57 39.74
C ILE A 205 18.39 6.67 39.23
N ASN A 206 17.74 7.78 39.56
CA ASN A 206 16.39 8.04 39.09
C ASN A 206 16.44 9.33 38.31
N LYS A 207 17.51 10.09 38.54
CA LYS A 207 17.72 11.36 37.85
C LYS A 207 19.19 11.62 37.60
N LEU A 208 19.46 12.21 36.43
CA LEU A 208 20.80 12.53 35.96
C LEU A 208 21.88 12.78 37.01
N VAL A 209 21.52 13.40 38.13
CA VAL A 209 22.49 13.70 39.18
C VAL A 209 22.93 12.44 39.92
N ASP A 210 22.03 11.46 39.96
CA ASP A 210 22.27 10.18 40.61
C ASP A 210 23.50 9.46 40.05
N THR A 211 23.73 9.59 38.74
CA THR A 211 24.89 8.95 38.11
C THR A 211 26.17 9.55 38.69
N LEU A 212 26.02 10.28 39.78
CA LEU A 212 27.14 10.89 40.47
C LEU A 212 27.34 10.13 41.78
N SER A 213 26.26 9.52 42.26
CA SER A 213 26.32 8.71 43.46
C SER A 213 27.38 7.64 43.24
N ILE A 214 27.03 6.65 42.42
CA ILE A 214 27.88 5.50 42.06
C ILE A 214 28.99 5.77 41.04
N GLU A 215 30.13 5.10 41.22
CA GLU A 215 31.27 5.22 40.31
C GLU A 215 31.10 4.35 39.06
N PHE A 216 31.57 4.88 37.93
CA PHE A 216 31.48 4.22 36.64
C PHE A 216 31.94 2.78 36.65
N ASP A 217 33.03 2.51 37.36
CA ASP A 217 33.60 1.16 37.43
C ASP A 217 32.58 0.12 37.91
N LYS A 218 31.32 0.53 38.08
CA LYS A 218 30.27 -0.37 38.53
C LYS A 218 29.12 -0.30 37.53
N LEU A 219 29.07 0.79 36.78
CA LEU A 219 28.06 0.98 35.75
C LEU A 219 28.74 0.74 34.40
N LYS A 220 30.06 0.89 34.40
CA LYS A 220 30.89 0.68 33.20
C LYS A 220 30.90 -0.82 32.96
N GLY A 221 29.85 -1.46 33.46
CA GLY A 221 29.63 -2.89 33.32
C GLY A 221 28.13 -3.06 33.43
N MET A 222 27.44 -1.97 33.12
CA MET A 222 25.98 -1.93 33.18
C MET A 222 25.44 -1.20 31.96
N ILE A 223 26.16 -0.17 31.51
CA ILE A 223 25.74 0.58 30.34
C ILE A 223 26.95 0.75 29.44
N GLY A 224 28.09 0.25 29.90
CA GLY A 224 29.31 0.30 29.12
C GLY A 224 29.96 1.66 28.94
N GLU A 225 31.28 1.66 29.08
CA GLU A 225 32.11 2.86 28.95
C GLU A 225 31.41 4.05 28.26
N ALA A 226 31.60 4.17 26.96
CA ALA A 226 31.01 5.28 26.18
C ALA A 226 29.74 5.91 26.77
N LYS A 227 28.78 5.08 27.14
CA LYS A 227 27.54 5.57 27.72
C LYS A 227 27.78 6.21 29.06
N ALA A 228 28.24 5.43 30.02
CA ALA A 228 28.53 5.94 31.36
C ALA A 228 29.45 7.16 31.30
N LYS A 229 30.59 7.02 30.65
CA LYS A 229 31.53 8.12 30.52
C LYS A 229 30.81 9.33 29.90
N TYR A 230 29.65 9.07 29.33
CA TYR A 230 28.85 10.12 28.68
C TYR A 230 27.81 10.70 29.65
N LEU A 231 27.08 9.83 30.35
CA LEU A 231 26.09 10.34 31.30
C LEU A 231 26.87 11.18 32.31
N ILE A 232 27.61 10.52 33.18
CA ILE A 232 28.41 11.22 34.18
C ILE A 232 29.02 12.49 33.59
N SER A 233 29.64 12.38 32.41
CA SER A 233 30.27 13.54 31.77
C SER A 233 29.33 14.75 31.71
N LEU A 234 28.04 14.47 31.81
CA LEU A 234 27.04 15.52 31.78
C LEU A 234 26.73 16.01 33.17
N ALA A 235 26.10 15.15 33.98
CA ALA A 235 25.74 15.51 35.34
C ALA A 235 26.87 16.33 35.94
N ARG A 236 28.08 15.84 35.75
CA ARG A 236 29.29 16.50 36.23
C ARG A 236 29.57 17.70 35.33
N ASP A 237 28.49 18.37 34.92
CA ASP A 237 28.55 19.54 34.04
C ASP A 237 29.96 19.68 33.44
N GLU A 238 30.37 18.67 32.69
CA GLU A 238 31.69 18.64 32.07
C GLU A 238 31.62 18.47 30.54
N TYR A 239 30.58 17.80 30.07
CA TYR A 239 30.35 17.54 28.64
C TYR A 239 30.51 18.78 27.73
N ASN A 240 31.25 18.64 26.65
CA ASN A 240 31.39 19.78 25.72
C ASN A 240 31.67 19.36 24.29
N GLU A 241 31.11 18.23 23.87
CA GLU A 241 31.28 17.69 22.52
C GLU A 241 31.00 18.71 21.42
N PRO A 242 31.85 18.71 20.39
CA PRO A 242 31.77 19.61 19.23
C PRO A 242 30.61 19.37 18.28
N ILE A 243 30.44 20.29 17.33
CA ILE A 243 29.40 20.18 16.30
C ILE A 243 30.12 19.87 15.00
N ARG A 244 30.24 18.58 14.70
CA ARG A 244 30.90 18.14 13.48
C ARG A 244 29.88 17.73 12.43
N THR A 245 30.23 17.94 11.17
CA THR A 245 29.34 17.58 10.06
C THR A 245 29.22 16.08 10.01
N ARG A 246 28.02 15.57 10.29
CA ARG A 246 27.78 14.12 10.28
C ARG A 246 27.85 13.59 8.86
N VAL A 247 28.39 12.37 8.72
CA VAL A 247 28.52 11.73 7.41
C VAL A 247 27.71 10.45 7.36
N ARG A 248 27.16 10.18 6.19
CA ARG A 248 26.35 8.99 5.96
C ARG A 248 27.28 7.80 5.77
N LYS A 249 27.21 6.86 6.71
CA LYS A 249 28.07 5.69 6.69
C LYS A 249 27.39 4.39 6.22
N SER A 250 26.12 4.46 5.84
CA SER A 250 25.42 3.27 5.38
C SER A 250 24.05 3.58 4.85
N ILE A 251 23.77 3.10 3.64
CA ILE A 251 22.49 3.29 3.00
C ILE A 251 21.96 1.91 2.65
N GLY A 252 20.65 1.75 2.58
CA GLY A 252 20.10 0.46 2.23
C GLY A 252 18.60 0.42 2.43
N ARG A 253 17.97 -0.64 1.94
CA ARG A 253 16.53 -0.81 2.10
C ARG A 253 16.18 -2.20 2.62
N ILE A 254 14.94 -2.38 3.03
CA ILE A 254 14.45 -3.65 3.51
C ILE A 254 12.99 -3.62 3.17
N VAL A 255 12.47 -4.73 2.69
CA VAL A 255 11.07 -4.77 2.30
C VAL A 255 10.33 -5.82 3.08
N THR A 256 9.02 -5.83 2.93
CA THR A 256 8.23 -6.82 3.64
C THR A 256 7.52 -7.72 2.67
N MET A 257 7.72 -9.01 2.88
CA MET A 257 7.15 -10.03 2.02
C MET A 257 5.70 -10.36 2.33
N LYS A 258 4.93 -10.60 1.27
CA LYS A 258 3.54 -10.96 1.43
C LYS A 258 3.45 -12.08 2.47
N ARG A 259 4.13 -13.19 2.21
CA ARG A 259 4.09 -14.31 3.13
C ARG A 259 5.47 -14.65 3.67
N ASN A 260 5.52 -15.17 4.89
CA ASN A 260 6.79 -15.58 5.48
C ASN A 260 7.27 -16.77 4.67
N SER A 261 8.58 -16.83 4.40
CA SER A 261 9.10 -17.94 3.61
C SER A 261 10.52 -18.35 3.97
N ARG A 262 10.94 -19.47 3.39
CA ARG A 262 12.26 -20.02 3.61
C ARG A 262 12.76 -20.55 2.28
N ASN A 263 11.92 -20.46 1.25
CA ASN A 263 12.32 -20.93 -0.07
C ASN A 263 13.17 -19.91 -0.81
N LEU A 264 14.48 -20.10 -0.73
CA LEU A 264 15.43 -19.20 -1.37
C LEU A 264 15.03 -18.61 -2.73
N GLU A 265 14.43 -19.40 -3.63
CA GLU A 265 14.05 -18.89 -4.95
C GLU A 265 12.80 -18.02 -4.92
N GLU A 266 12.13 -18.03 -3.79
CA GLU A 266 10.91 -17.25 -3.56
C GLU A 266 11.34 -15.85 -3.06
N ILE A 267 12.25 -15.85 -2.09
CA ILE A 267 12.80 -14.65 -1.46
C ILE A 267 13.61 -13.76 -2.40
N LYS A 268 14.51 -14.37 -3.15
CA LYS A 268 15.41 -13.69 -4.07
C LYS A 268 14.90 -12.44 -4.81
N PRO A 269 13.67 -12.50 -5.35
CA PRO A 269 13.15 -11.31 -6.06
C PRO A 269 13.00 -10.13 -5.10
N TYR A 270 12.59 -10.42 -3.87
CA TYR A 270 12.44 -9.40 -2.82
C TYR A 270 13.83 -8.79 -2.62
N LEU A 271 14.76 -9.61 -2.14
CA LEU A 271 16.13 -9.19 -1.91
C LEU A 271 16.66 -8.36 -3.06
N PHE A 272 16.35 -8.74 -4.28
CA PHE A 272 16.86 -7.97 -5.41
C PHE A 272 16.24 -6.59 -5.55
N ARG A 273 14.95 -6.49 -5.25
CA ARG A 273 14.26 -5.21 -5.32
C ARG A 273 15.02 -4.33 -4.31
N ALA A 274 15.14 -4.83 -3.10
CA ALA A 274 15.82 -4.14 -2.02
C ALA A 274 17.19 -3.64 -2.46
N ILE A 275 17.89 -4.40 -3.31
CA ILE A 275 19.23 -3.99 -3.77
C ILE A 275 19.18 -2.86 -4.79
N GLU A 276 18.18 -2.92 -5.65
CA GLU A 276 18.01 -1.94 -6.71
C GLU A 276 17.64 -0.53 -6.22
N GLU A 277 16.63 -0.43 -5.35
CA GLU A 277 16.25 0.88 -4.82
C GLU A 277 17.38 1.29 -3.90
N SER A 278 17.93 0.28 -3.22
CA SER A 278 19.03 0.48 -2.30
C SER A 278 20.23 1.02 -3.02
N TYR A 279 20.41 0.60 -4.27
CA TYR A 279 21.54 1.07 -5.04
C TYR A 279 21.23 2.44 -5.61
N TYR A 280 19.93 2.77 -5.65
CA TYR A 280 19.50 4.08 -6.13
C TYR A 280 19.82 5.12 -5.05
N LYS A 281 19.37 4.85 -3.83
CA LYS A 281 19.62 5.75 -2.71
C LYS A 281 21.11 5.97 -2.60
N LEU A 282 21.86 4.92 -2.90
CA LEU A 282 23.31 4.94 -2.82
C LEU A 282 23.92 6.05 -3.68
N ASP A 283 23.11 6.60 -4.58
CA ASP A 283 23.54 7.69 -5.46
C ASP A 283 24.79 7.31 -6.27
N LYS A 284 25.91 7.96 -5.98
CA LYS A 284 27.15 7.67 -6.68
C LYS A 284 28.32 7.38 -5.73
N ARG A 285 28.03 6.54 -4.73
CA ARG A 285 29.01 6.12 -3.74
C ARG A 285 29.39 4.68 -4.07
N ILE A 286 30.49 4.20 -3.50
CA ILE A 286 30.95 2.84 -3.77
C ILE A 286 31.19 2.08 -2.47
N PRO A 287 30.23 1.26 -2.02
CA PRO A 287 30.41 0.51 -0.79
C PRO A 287 31.43 -0.63 -0.93
N LYS A 288 32.27 -0.81 0.07
CA LYS A 288 33.23 -1.90 0.01
C LYS A 288 32.64 -3.09 0.75
N ALA A 289 31.70 -2.81 1.65
CA ALA A 289 31.06 -3.84 2.44
C ALA A 289 29.61 -3.96 2.04
N ILE A 290 28.94 -4.97 2.58
CA ILE A 290 27.55 -5.22 2.25
C ILE A 290 27.00 -6.25 3.22
N HIS A 291 25.78 -6.02 3.72
CA HIS A 291 25.17 -6.94 4.66
C HIS A 291 23.79 -7.23 4.14
N VAL A 292 23.23 -8.35 4.57
CA VAL A 292 21.89 -8.75 4.18
C VAL A 292 21.27 -8.97 5.55
N VAL A 293 20.09 -8.41 5.76
CA VAL A 293 19.42 -8.56 7.03
C VAL A 293 18.06 -9.09 6.71
N ALA A 294 17.53 -9.92 7.61
CA ALA A 294 16.24 -10.52 7.43
C ALA A 294 15.49 -10.47 8.72
N VAL A 295 14.19 -10.22 8.65
CA VAL A 295 13.36 -10.18 9.82
C VAL A 295 12.52 -11.43 9.81
N THR A 296 12.89 -12.35 10.69
CA THR A 296 12.19 -13.62 10.81
C THR A 296 10.79 -13.39 11.32
N GLU A 297 10.00 -14.45 11.28
CA GLU A 297 8.62 -14.42 11.73
C GLU A 297 8.46 -13.71 13.09
N ASP A 298 9.36 -13.98 14.04
CA ASP A 298 9.27 -13.36 15.36
C ASP A 298 10.18 -12.15 15.56
N LEU A 299 10.17 -11.25 14.58
CA LEU A 299 10.98 -10.02 14.58
C LEU A 299 12.38 -10.12 15.18
N ASP A 300 13.04 -11.26 15.04
CA ASP A 300 14.41 -11.38 15.55
C ASP A 300 15.35 -11.27 14.35
N ILE A 301 15.95 -10.09 14.19
CA ILE A 301 16.85 -9.83 13.07
C ILE A 301 18.04 -10.77 12.96
N VAL A 302 18.37 -11.12 11.72
CA VAL A 302 19.49 -11.99 11.40
C VAL A 302 20.19 -11.37 10.20
N SER A 303 21.48 -11.09 10.35
CA SER A 303 22.25 -10.46 9.28
C SER A 303 23.54 -11.20 8.94
N ARG A 304 24.03 -10.99 7.72
CA ARG A 304 25.26 -11.61 7.25
C ARG A 304 25.94 -10.64 6.31
N GLY A 305 27.23 -10.41 6.53
CA GLY A 305 27.94 -9.47 5.68
C GLY A 305 29.22 -9.99 5.05
N ARG A 306 29.79 -9.16 4.20
CA ARG A 306 31.03 -9.47 3.50
C ARG A 306 31.64 -8.12 3.19
N THR A 307 32.96 -8.05 3.21
CA THR A 307 33.66 -6.81 2.92
C THR A 307 34.75 -7.11 1.90
N PHE A 308 34.88 -6.24 0.90
CA PHE A 308 35.87 -6.44 -0.15
C PHE A 308 36.96 -5.37 -0.17
N PRO A 309 38.08 -5.65 -0.86
CA PRO A 309 39.22 -4.75 -1.00
C PRO A 309 38.86 -3.62 -1.94
N HIS A 310 37.75 -3.80 -2.66
CA HIS A 310 37.28 -2.83 -3.64
C HIS A 310 35.78 -2.53 -3.50
N GLY A 311 35.31 -1.53 -4.22
CA GLY A 311 33.89 -1.21 -4.15
C GLY A 311 33.06 -2.38 -4.65
N ILE A 312 31.74 -2.29 -4.50
CA ILE A 312 30.83 -3.34 -4.93
C ILE A 312 30.02 -2.97 -6.16
N SER A 313 30.33 -3.55 -7.31
CA SER A 313 29.54 -3.25 -8.49
C SER A 313 28.13 -3.71 -8.15
N LYS A 314 27.10 -3.17 -8.81
CA LYS A 314 25.74 -3.61 -8.52
C LYS A 314 25.62 -5.08 -8.91
N GLU A 315 26.12 -5.37 -10.10
CA GLU A 315 26.11 -6.72 -10.65
C GLU A 315 26.73 -7.72 -9.67
N THR A 316 27.71 -7.27 -8.90
CA THR A 316 28.35 -8.17 -7.94
C THR A 316 27.54 -8.28 -6.65
N ALA A 317 26.83 -7.21 -6.30
CA ALA A 317 26.04 -7.20 -5.09
C ALA A 317 24.92 -8.21 -5.22
N TYR A 318 24.20 -8.12 -6.34
CA TYR A 318 23.10 -9.02 -6.64
C TYR A 318 23.56 -10.42 -6.32
N SER A 319 24.69 -10.76 -6.92
CA SER A 319 25.34 -12.06 -6.80
C SER A 319 25.90 -12.42 -5.43
N GLU A 320 26.32 -11.42 -4.67
CA GLU A 320 26.90 -11.64 -3.35
C GLU A 320 25.88 -11.72 -2.23
N SER A 321 24.64 -11.33 -2.53
CA SER A 321 23.54 -11.31 -1.57
C SER A 321 23.06 -12.71 -1.29
N VAL A 322 22.76 -13.44 -2.35
CA VAL A 322 22.28 -14.81 -2.24
C VAL A 322 23.13 -15.65 -1.29
N LYS A 323 24.45 -15.65 -1.52
CA LYS A 323 25.38 -16.40 -0.69
C LYS A 323 25.14 -16.05 0.77
N LEU A 324 24.99 -14.75 1.03
CA LEU A 324 24.75 -14.25 2.37
C LEU A 324 23.35 -14.67 2.82
N LEU A 325 22.44 -14.77 1.87
CA LEU A 325 21.08 -15.17 2.19
C LEU A 325 21.08 -16.65 2.50
N GLN A 326 21.82 -17.41 1.70
CA GLN A 326 21.91 -18.84 1.89
C GLN A 326 22.62 -19.08 3.21
N LYS A 327 23.74 -18.40 3.43
CA LYS A 327 24.46 -18.58 4.68
C LYS A 327 23.44 -18.53 5.82
N ILE A 328 22.61 -17.48 5.84
CA ILE A 328 21.58 -17.32 6.88
C ILE A 328 20.68 -18.54 6.94
N LEU A 329 19.99 -18.80 5.83
CA LEU A 329 19.07 -19.92 5.71
C LEU A 329 19.58 -21.23 6.30
N GLU A 330 20.85 -21.54 6.07
CA GLU A 330 21.41 -22.76 6.60
C GLU A 330 21.45 -22.71 8.13
N GLU A 331 22.25 -21.79 8.65
CA GLU A 331 22.42 -21.62 10.09
C GLU A 331 21.13 -21.43 10.88
N ASP A 332 20.43 -20.32 10.69
CA ASP A 332 19.17 -20.08 11.41
C ASP A 332 18.11 -21.03 10.83
N GLU A 333 17.20 -21.49 11.69
CA GLU A 333 16.15 -22.42 11.27
C GLU A 333 14.76 -21.84 10.96
N ARG A 334 14.45 -20.68 11.56
CA ARG A 334 13.13 -20.07 11.36
C ARG A 334 12.84 -19.63 9.93
N LYS A 335 11.65 -19.03 9.75
CA LYS A 335 11.22 -18.55 8.44
C LYS A 335 11.76 -17.13 8.26
N ILE A 336 11.48 -16.52 7.11
CA ILE A 336 11.91 -15.15 6.85
C ILE A 336 10.68 -14.34 6.52
N ARG A 337 10.59 -13.12 7.06
CA ARG A 337 9.42 -12.28 6.81
C ARG A 337 9.78 -10.90 6.23
N ARG A 338 11.01 -10.47 6.45
CA ARG A 338 11.43 -9.17 5.94
C ARG A 338 12.88 -9.37 5.49
N ILE A 339 13.17 -9.03 4.24
CA ILE A 339 14.53 -9.21 3.72
C ILE A 339 15.06 -7.94 3.06
N GLY A 340 16.32 -7.62 3.30
CA GLY A 340 16.88 -6.44 2.70
C GLY A 340 18.40 -6.42 2.64
N VAL A 341 18.95 -5.30 2.19
CA VAL A 341 20.39 -5.15 2.07
C VAL A 341 20.84 -3.83 2.72
N ARG A 342 22.15 -3.70 2.95
CA ARG A 342 22.69 -2.48 3.53
C ARG A 342 24.16 -2.34 3.21
N PHE A 343 24.50 -1.34 2.41
CA PHE A 343 25.86 -1.11 2.00
C PHE A 343 26.63 -0.24 2.99
N SER A 344 27.92 -0.53 3.16
CA SER A 344 28.75 0.20 4.11
C SER A 344 30.13 0.49 3.57
N LYS A 345 31.02 0.90 4.47
CA LYS A 345 32.41 1.24 4.17
C LYS A 345 32.61 1.93 2.82
N PHE A 346 32.02 3.10 2.69
CA PHE A 346 32.13 3.86 1.44
C PHE A 346 33.52 4.36 1.13
N ILE A 347 33.86 4.34 -0.15
CA ILE A 347 35.15 4.83 -0.60
C ILE A 347 35.07 6.35 -0.50
N HIS D 5 -8.74 -19.98 -43.42
CA HIS D 5 -10.14 -20.45 -43.14
C HIS D 5 -10.78 -19.59 -42.05
N HIS D 6 -10.02 -19.31 -41.00
CA HIS D 6 -10.51 -18.48 -39.88
C HIS D 6 -9.46 -18.37 -38.77
N MET D 7 -9.89 -18.16 -37.53
CA MET D 7 -8.97 -18.06 -36.40
C MET D 7 -9.26 -19.08 -35.31
N ILE D 8 -8.32 -19.22 -34.37
CA ILE D 8 -8.47 -20.15 -33.27
C ILE D 8 -8.28 -19.42 -31.94
N VAL D 9 -9.29 -19.50 -31.09
CA VAL D 9 -9.25 -18.82 -29.81
C VAL D 9 -9.37 -19.72 -28.60
N LEU D 10 -8.30 -19.86 -27.85
CA LEU D 10 -8.31 -20.67 -26.64
C LEU D 10 -8.63 -19.69 -25.52
N PHE D 11 -9.59 -20.04 -24.65
CA PHE D 11 -10.00 -19.18 -23.54
C PHE D 11 -9.78 -19.92 -22.24
N VAL D 12 -9.15 -19.23 -21.29
CA VAL D 12 -8.81 -19.81 -19.99
C VAL D 12 -9.56 -19.10 -18.89
N ASP D 13 -10.24 -19.87 -18.04
CA ASP D 13 -10.99 -19.30 -16.93
C ASP D 13 -10.75 -20.05 -15.64
N PHE D 14 -10.11 -19.38 -14.67
CA PHE D 14 -9.78 -19.96 -13.38
C PHE D 14 -11.06 -20.42 -12.70
N ASP D 15 -10.98 -21.42 -11.84
CA ASP D 15 -12.19 -21.94 -11.22
C ASP D 15 -12.47 -21.45 -9.82
N TYR D 16 -13.67 -20.88 -9.67
CA TYR D 16 -14.12 -20.33 -8.41
C TYR D 16 -12.95 -19.66 -7.71
N PHE D 17 -12.09 -19.10 -8.54
CA PHE D 17 -10.86 -18.44 -8.14
C PHE D 17 -10.67 -18.03 -6.70
N TYR D 18 -11.16 -16.85 -6.33
CA TYR D 18 -11.00 -16.38 -4.97
C TYR D 18 -10.96 -17.55 -4.01
N ALA D 19 -12.05 -18.31 -3.96
CA ALA D 19 -12.12 -19.44 -3.03
C ALA D 19 -11.10 -20.54 -3.25
N GLN D 20 -10.63 -20.73 -4.48
CA GLN D 20 -9.65 -21.79 -4.68
C GLN D 20 -8.32 -21.37 -4.08
N VAL D 21 -8.01 -20.09 -4.20
CA VAL D 21 -6.77 -19.57 -3.63
C VAL D 21 -6.84 -19.61 -2.09
N GLU D 22 -8.04 -19.79 -1.56
CA GLU D 22 -8.22 -19.87 -0.12
C GLU D 22 -8.10 -21.34 0.26
N GLU D 23 -8.05 -22.20 -0.77
CA GLU D 23 -7.93 -23.64 -0.58
C GLU D 23 -6.50 -24.08 -0.70
N VAL D 24 -5.75 -23.39 -1.57
CA VAL D 24 -4.34 -23.70 -1.75
C VAL D 24 -3.60 -23.19 -0.52
N LEU D 25 -3.99 -22.02 -0.03
CA LEU D 25 -3.37 -21.45 1.16
C LEU D 25 -3.88 -22.16 2.41
N ASN D 26 -4.38 -23.39 2.27
CA ASN D 26 -4.92 -24.12 3.41
C ASN D 26 -5.77 -25.28 2.94
N PRO D 27 -5.10 -26.39 2.57
CA PRO D 27 -5.78 -27.60 2.09
C PRO D 27 -6.81 -28.15 3.06
N SER D 28 -6.76 -27.70 4.31
CA SER D 28 -7.71 -28.20 5.31
C SER D 28 -9.14 -27.88 4.88
N LEU D 29 -9.25 -26.99 3.89
CA LEU D 29 -10.55 -26.59 3.36
C LEU D 29 -11.04 -27.51 2.26
N LYS D 30 -10.14 -27.80 1.32
CA LYS D 30 -10.40 -28.64 0.17
C LYS D 30 -11.40 -29.75 0.40
N GLY D 31 -12.57 -29.64 -0.26
CA GLY D 31 -13.61 -30.64 -0.10
C GLY D 31 -14.78 -30.17 0.72
N LYS D 32 -14.57 -29.09 1.45
CA LYS D 32 -15.59 -28.49 2.30
C LYS D 32 -16.13 -27.21 1.66
N PRO D 33 -17.39 -26.85 1.94
CA PRO D 33 -17.97 -25.62 1.37
C PRO D 33 -17.28 -24.33 1.86
N VAL D 34 -16.74 -23.57 0.91
CA VAL D 34 -16.01 -22.33 1.18
C VAL D 34 -16.67 -21.10 0.55
N VAL D 35 -16.95 -20.08 1.38
CA VAL D 35 -17.58 -18.88 0.85
C VAL D 35 -16.78 -17.60 1.09
N VAL D 36 -16.06 -17.15 0.06
CA VAL D 36 -15.25 -15.94 0.14
C VAL D 36 -16.09 -14.65 0.08
N CYS D 37 -16.26 -14.00 1.23
CA CYS D 37 -17.06 -12.77 1.35
C CYS D 37 -16.42 -11.40 1.30
N VAL D 38 -17.29 -10.41 1.51
CA VAL D 38 -16.96 -9.00 1.57
C VAL D 38 -17.91 -8.45 2.65
N PHE D 39 -17.34 -8.02 3.78
CA PHE D 39 -18.14 -7.48 4.88
C PHE D 39 -18.00 -5.96 5.01
N SER D 40 -18.00 -5.49 6.26
CA SER D 40 -17.84 -4.08 6.66
C SER D 40 -18.54 -3.85 7.99
N GLY D 41 -17.92 -3.05 8.85
CA GLY D 41 -18.46 -2.79 10.16
C GLY D 41 -19.93 -2.39 10.32
N ARG D 42 -20.69 -2.34 9.23
CA ARG D 42 -22.10 -1.95 9.32
C ARG D 42 -22.71 -2.57 10.57
N PHE D 43 -22.84 -3.90 10.55
CA PHE D 43 -23.33 -4.69 11.68
C PHE D 43 -22.82 -6.07 11.37
N GLU D 44 -23.01 -7.03 12.25
CA GLU D 44 -22.46 -8.35 11.98
C GLU D 44 -23.00 -9.09 10.76
N ASP D 45 -22.10 -9.81 10.11
CA ASP D 45 -22.41 -10.60 8.93
C ASP D 45 -23.18 -9.78 7.92
N SER D 46 -22.71 -8.55 7.72
CA SER D 46 -23.31 -7.65 6.76
C SER D 46 -22.38 -7.68 5.55
N GLY D 47 -22.95 -7.68 4.35
CA GLY D 47 -22.11 -7.70 3.17
C GLY D 47 -22.63 -8.59 2.06
N ALA D 48 -21.74 -8.96 1.14
CA ALA D 48 -22.11 -9.80 0.01
C ALA D 48 -21.11 -10.93 -0.21
N VAL D 49 -21.45 -11.81 -1.15
CA VAL D 49 -20.62 -12.96 -1.48
C VAL D 49 -19.84 -12.74 -2.77
N ALA D 50 -18.52 -12.69 -2.68
CA ALA D 50 -17.70 -12.48 -3.86
C ALA D 50 -17.81 -13.71 -4.77
N THR D 51 -17.54 -14.90 -4.22
CA THR D 51 -17.64 -16.15 -4.97
C THR D 51 -17.54 -17.31 -4.00
N ALA D 52 -18.13 -18.45 -4.37
CA ALA D 52 -18.16 -19.65 -3.54
C ALA D 52 -17.67 -20.84 -4.34
N ASN D 53 -17.24 -21.91 -3.68
CA ASN D 53 -16.81 -23.08 -4.45
C ASN D 53 -17.97 -24.05 -4.65
N TYR D 54 -17.89 -24.84 -5.69
CA TYR D 54 -18.94 -25.77 -6.04
C TYR D 54 -19.56 -26.57 -4.90
N GLU D 55 -18.76 -26.91 -3.91
CA GLU D 55 -19.28 -27.67 -2.80
C GLU D 55 -20.30 -26.80 -2.07
N ALA D 56 -20.18 -25.48 -2.24
CA ALA D 56 -21.07 -24.55 -1.58
C ALA D 56 -22.18 -24.07 -2.51
N ARG D 57 -21.86 -23.86 -3.78
CA ARG D 57 -22.88 -23.42 -4.73
C ARG D 57 -24.02 -24.46 -4.78
N LYS D 58 -23.68 -25.74 -4.74
CA LYS D 58 -24.72 -26.77 -4.76
C LYS D 58 -25.88 -26.29 -3.90
N PHE D 59 -25.56 -25.82 -2.70
CA PHE D 59 -26.58 -25.37 -1.77
C PHE D 59 -27.15 -24.00 -2.01
N GLY D 60 -26.76 -23.36 -3.11
CA GLY D 60 -27.30 -22.05 -3.44
C GLY D 60 -26.38 -20.85 -3.30
N VAL D 61 -25.43 -20.91 -2.38
CA VAL D 61 -24.55 -19.78 -2.20
C VAL D 61 -23.79 -19.41 -3.46
N LYS D 62 -24.19 -18.31 -4.09
CA LYS D 62 -23.53 -17.84 -5.30
C LYS D 62 -23.17 -16.36 -5.15
N ALA D 63 -22.28 -15.87 -6.01
CA ALA D 63 -21.82 -14.47 -6.00
C ALA D 63 -22.93 -13.48 -6.03
N GLY D 64 -22.91 -12.53 -5.09
CA GLY D 64 -23.93 -11.50 -5.07
C GLY D 64 -24.95 -11.49 -3.96
N ILE D 65 -25.35 -12.64 -3.45
CA ILE D 65 -26.34 -12.64 -2.40
C ILE D 65 -25.79 -12.17 -1.08
N PRO D 66 -26.61 -11.42 -0.32
CA PRO D 66 -26.15 -10.94 0.98
C PRO D 66 -25.65 -12.15 1.74
N ILE D 67 -24.64 -11.98 2.59
CA ILE D 67 -24.15 -13.15 3.31
C ILE D 67 -25.21 -13.74 4.25
N VAL D 68 -25.92 -12.92 5.02
CA VAL D 68 -26.93 -13.48 5.94
C VAL D 68 -28.03 -14.23 5.21
N GLU D 69 -27.94 -14.28 3.88
CA GLU D 69 -28.89 -15.03 3.07
C GLU D 69 -28.20 -16.36 2.87
N ALA D 70 -26.91 -16.28 2.53
CA ALA D 70 -26.09 -17.45 2.34
C ALA D 70 -26.06 -18.24 3.64
N LYS D 71 -26.08 -17.55 4.78
CA LYS D 71 -26.03 -18.24 6.05
C LYS D 71 -27.34 -18.86 6.54
N LYS D 72 -28.41 -18.69 5.78
CA LYS D 72 -29.70 -19.27 6.16
C LYS D 72 -29.95 -20.41 5.20
N ILE D 73 -29.17 -20.36 4.11
CA ILE D 73 -29.24 -21.32 3.03
C ILE D 73 -28.07 -22.30 3.16
N LEU D 74 -27.05 -21.91 3.89
CA LEU D 74 -25.86 -22.74 4.10
C LEU D 74 -25.13 -22.29 5.36
N PRO D 75 -25.72 -22.55 6.53
CA PRO D 75 -25.16 -22.20 7.83
C PRO D 75 -23.75 -22.78 8.00
N ASN D 76 -23.58 -24.01 7.53
CA ASN D 76 -22.27 -24.67 7.62
C ASN D 76 -21.31 -23.87 6.77
N ALA D 77 -20.44 -24.52 6.01
CA ALA D 77 -19.51 -23.76 5.18
C ALA D 77 -18.57 -22.84 5.96
N VAL D 78 -17.51 -22.38 5.28
CA VAL D 78 -16.49 -21.51 5.85
C VAL D 78 -16.46 -20.13 5.16
N TYR D 79 -17.01 -19.11 5.83
CA TYR D 79 -16.98 -17.78 5.25
C TYR D 79 -15.65 -17.14 5.58
N LEU D 80 -15.05 -16.51 4.56
CA LEU D 80 -13.74 -15.88 4.70
C LEU D 80 -13.69 -14.49 4.08
N PRO D 81 -13.11 -13.55 4.83
CA PRO D 81 -13.01 -12.19 4.30
C PRO D 81 -12.11 -12.21 3.06
N MET D 82 -12.61 -11.61 1.99
CA MET D 82 -11.87 -11.55 0.75
C MET D 82 -10.49 -10.96 1.02
N ARG D 83 -9.50 -11.40 0.24
CA ARG D 83 -8.13 -10.94 0.35
C ARG D 83 -7.64 -10.54 -1.02
N LYS D 84 -8.47 -9.74 -1.70
CA LYS D 84 -8.23 -9.25 -3.05
C LYS D 84 -6.80 -9.11 -3.54
N GLU D 85 -5.88 -8.66 -2.69
CA GLU D 85 -4.49 -8.50 -3.11
C GLU D 85 -3.85 -9.86 -3.40
N VAL D 86 -3.97 -10.78 -2.46
CA VAL D 86 -3.38 -12.11 -2.63
C VAL D 86 -3.83 -12.75 -3.95
N TYR D 87 -5.14 -12.80 -4.17
CA TYR D 87 -5.65 -13.38 -5.40
C TYR D 87 -5.04 -12.63 -6.57
N GLN D 88 -5.06 -11.30 -6.50
CA GLN D 88 -4.51 -10.48 -7.56
C GLN D 88 -3.04 -10.78 -7.86
N GLN D 89 -2.27 -11.22 -6.87
CA GLN D 89 -0.85 -11.54 -7.08
C GLN D 89 -0.70 -12.91 -7.76
N VAL D 90 -1.68 -13.79 -7.57
CA VAL D 90 -1.67 -15.11 -8.19
C VAL D 90 -2.10 -14.93 -9.65
N SER D 91 -3.20 -14.23 -9.83
CA SER D 91 -3.74 -13.93 -11.15
C SER D 91 -2.62 -13.48 -12.09
N SER D 92 -1.77 -12.59 -11.59
CA SER D 92 -0.66 -12.05 -12.37
C SER D 92 0.24 -13.16 -12.86
N ARG D 93 0.79 -13.90 -11.90
CA ARG D 93 1.65 -15.01 -12.24
C ARG D 93 0.97 -15.90 -13.29
N ILE D 94 -0.13 -16.55 -12.92
CA ILE D 94 -0.87 -17.40 -13.87
C ILE D 94 -1.14 -16.65 -15.17
N MET D 95 -1.19 -15.34 -15.11
CA MET D 95 -1.45 -14.55 -16.29
C MET D 95 -0.18 -14.36 -17.12
N ASN D 96 0.97 -14.35 -16.46
CA ASN D 96 2.23 -14.20 -17.17
C ASN D 96 2.54 -15.49 -17.91
N LEU D 97 2.13 -16.61 -17.31
CA LEU D 97 2.38 -17.94 -17.85
C LEU D 97 1.71 -18.16 -19.19
N LEU D 98 0.50 -17.61 -19.36
CA LEU D 98 -0.23 -17.77 -20.61
C LEU D 98 0.52 -17.07 -21.73
N ARG D 99 1.02 -15.87 -21.44
CA ARG D 99 1.78 -15.10 -22.41
C ARG D 99 2.67 -16.04 -23.21
N GLU D 100 3.47 -16.82 -22.48
CA GLU D 100 4.38 -17.79 -23.08
C GLU D 100 3.74 -18.41 -24.32
N TYR D 101 2.53 -18.93 -24.15
CA TYR D 101 1.79 -19.59 -25.22
C TYR D 101 1.28 -18.66 -26.31
N SER D 102 1.37 -17.34 -26.07
CA SER D 102 0.94 -16.35 -27.05
C SER D 102 0.97 -14.92 -26.53
N GLU D 103 1.59 -14.03 -27.30
CA GLU D 103 1.67 -12.62 -26.93
C GLU D 103 0.31 -11.97 -27.21
N LYS D 104 -0.43 -12.56 -28.14
CA LYS D 104 -1.77 -12.08 -28.50
C LYS D 104 -2.77 -12.57 -27.46
N ILE D 105 -2.83 -11.84 -26.36
CA ILE D 105 -3.71 -12.19 -25.25
C ILE D 105 -4.57 -11.00 -24.85
N GLU D 106 -5.77 -11.27 -24.34
CA GLU D 106 -6.65 -10.19 -23.91
C GLU D 106 -6.62 -9.97 -22.40
N ILE D 107 -7.38 -10.78 -21.67
CA ILE D 107 -7.49 -10.68 -20.21
C ILE D 107 -8.75 -9.87 -19.87
N ALA D 108 -9.90 -10.51 -19.94
CA ALA D 108 -11.13 -9.82 -19.61
C ALA D 108 -11.00 -9.27 -18.21
N SER D 109 -11.18 -10.15 -17.24
CA SER D 109 -11.12 -9.76 -15.84
C SER D 109 -9.96 -10.41 -15.13
N ILE D 110 -9.99 -10.33 -13.81
CA ILE D 110 -8.92 -10.88 -12.99
C ILE D 110 -8.65 -12.35 -13.21
N ASP D 111 -9.68 -13.11 -13.56
CA ASP D 111 -9.47 -14.54 -13.72
C ASP D 111 -9.78 -15.12 -15.10
N GLU D 112 -9.85 -14.26 -16.11
CA GLU D 112 -10.12 -14.75 -17.46
C GLU D 112 -9.02 -14.28 -18.40
N ALA D 113 -8.98 -14.82 -19.60
CA ALA D 113 -8.00 -14.44 -20.60
C ALA D 113 -8.23 -15.19 -21.91
N TYR D 114 -8.12 -14.46 -23.01
CA TYR D 114 -8.29 -15.00 -24.35
C TYR D 114 -6.97 -14.99 -25.10
N LEU D 115 -6.62 -16.12 -25.72
CA LEU D 115 -5.40 -16.20 -26.50
C LEU D 115 -5.77 -16.53 -27.94
N ASP D 116 -5.06 -15.93 -28.89
CA ASP D 116 -5.31 -16.24 -30.28
C ASP D 116 -4.15 -17.14 -30.67
N ILE D 117 -4.41 -18.43 -30.72
CA ILE D 117 -3.38 -19.39 -31.04
C ILE D 117 -3.35 -19.80 -32.51
N SER D 118 -4.00 -19.03 -33.38
CA SER D 118 -4.05 -19.35 -34.80
C SER D 118 -2.68 -19.55 -35.47
N ASP D 119 -1.68 -18.82 -35.01
CA ASP D 119 -0.35 -18.92 -35.60
C ASP D 119 0.57 -19.86 -34.82
N LYS D 120 -0.02 -20.64 -33.91
CA LYS D 120 0.77 -21.57 -33.10
C LYS D 120 0.18 -22.98 -33.11
N VAL D 121 -0.95 -23.14 -33.79
CA VAL D 121 -1.62 -24.42 -33.87
C VAL D 121 -2.30 -24.47 -35.24
N ARG D 122 -2.52 -25.68 -35.77
CA ARG D 122 -3.13 -25.81 -37.10
C ARG D 122 -4.50 -26.46 -37.12
N ASP D 123 -4.89 -27.06 -36.01
CA ASP D 123 -6.18 -27.74 -35.94
C ASP D 123 -6.62 -27.73 -34.50
N TYR D 124 -7.92 -27.83 -34.27
CA TYR D 124 -8.40 -27.84 -32.90
C TYR D 124 -7.81 -29.03 -32.14
N ARG D 125 -7.45 -30.08 -32.86
CA ARG D 125 -6.87 -31.27 -32.25
C ARG D 125 -5.55 -30.90 -31.55
N GLU D 126 -4.79 -30.00 -32.18
CA GLU D 126 -3.51 -29.55 -31.63
C GLU D 126 -3.77 -28.44 -30.63
N ALA D 127 -4.89 -27.75 -30.83
CA ALA D 127 -5.30 -26.67 -29.94
C ALA D 127 -5.76 -27.35 -28.67
N TYR D 128 -6.43 -28.48 -28.82
CA TYR D 128 -6.91 -29.25 -27.69
C TYR D 128 -5.68 -29.76 -26.95
N ASN D 129 -4.57 -29.90 -27.66
CA ASN D 129 -3.35 -30.35 -27.02
C ASN D 129 -2.76 -29.19 -26.23
N LEU D 130 -2.61 -28.05 -26.90
CA LEU D 130 -2.05 -26.88 -26.25
C LEU D 130 -2.90 -26.57 -25.03
N GLY D 131 -4.20 -26.72 -25.19
CA GLY D 131 -5.09 -26.47 -24.08
C GLY D 131 -4.72 -27.31 -22.88
N LEU D 132 -4.28 -28.54 -23.13
CA LEU D 132 -3.91 -29.44 -22.05
C LEU D 132 -2.54 -29.18 -21.46
N GLU D 133 -1.58 -28.80 -22.29
CA GLU D 133 -0.23 -28.50 -21.78
C GLU D 133 -0.40 -27.35 -20.79
N ILE D 134 -1.18 -26.36 -21.21
CA ILE D 134 -1.46 -25.17 -20.40
C ILE D 134 -2.12 -25.55 -19.08
N LYS D 135 -3.27 -26.21 -19.16
CA LYS D 135 -3.96 -26.59 -17.93
C LYS D 135 -2.96 -27.17 -16.93
N ASN D 136 -2.16 -28.13 -17.40
CA ASN D 136 -1.16 -28.80 -16.56
C ASN D 136 -0.09 -27.88 -15.99
N LYS D 137 0.56 -27.08 -16.84
CA LYS D 137 1.61 -26.21 -16.35
C LYS D 137 1.10 -25.23 -15.30
N ILE D 138 -0.14 -24.79 -15.42
CA ILE D 138 -0.66 -23.89 -14.42
C ILE D 138 -0.88 -24.66 -13.13
N LEU D 139 -1.29 -25.92 -13.27
CA LEU D 139 -1.55 -26.78 -12.13
C LEU D 139 -0.25 -27.18 -11.45
N GLU D 140 0.86 -27.02 -12.18
CA GLU D 140 2.19 -27.30 -11.65
C GLU D 140 2.52 -26.07 -10.82
N LYS D 141 2.99 -25.02 -11.49
CA LYS D 141 3.36 -23.76 -10.85
C LYS D 141 2.46 -23.19 -9.76
N GLU D 142 1.19 -22.97 -10.05
CA GLU D 142 0.31 -22.37 -9.06
C GLU D 142 -0.67 -23.31 -8.37
N LYS D 143 -0.69 -24.57 -8.77
CA LYS D 143 -1.62 -25.51 -8.13
C LYS D 143 -3.05 -24.98 -8.14
N ILE D 144 -3.50 -24.57 -9.33
CA ILE D 144 -4.84 -24.01 -9.57
C ILE D 144 -5.47 -24.65 -10.79
N THR D 145 -6.68 -25.17 -10.62
CA THR D 145 -7.39 -25.82 -11.71
C THR D 145 -8.25 -24.83 -12.48
N VAL D 146 -7.99 -24.73 -13.79
CA VAL D 146 -8.72 -23.83 -14.68
C VAL D 146 -9.65 -24.59 -15.61
N THR D 147 -10.13 -23.94 -16.65
CA THR D 147 -11.03 -24.55 -17.63
C THR D 147 -10.77 -23.89 -18.96
N VAL D 148 -10.40 -24.67 -19.97
CA VAL D 148 -10.13 -24.10 -21.28
C VAL D 148 -11.32 -24.22 -22.22
N GLY D 149 -11.48 -23.23 -23.09
CA GLY D 149 -12.56 -23.24 -24.04
C GLY D 149 -11.93 -22.87 -25.37
N ILE D 150 -12.02 -23.75 -26.36
CA ILE D 150 -11.42 -23.43 -27.64
C ILE D 150 -12.47 -23.41 -28.75
N SER D 151 -12.38 -22.42 -29.62
CA SER D 151 -13.32 -22.28 -30.72
C SER D 151 -12.92 -21.26 -31.76
N LYS D 152 -13.86 -20.95 -32.66
CA LYS D 152 -13.61 -20.02 -33.75
C LYS D 152 -13.53 -18.55 -33.34
N ASN D 153 -14.04 -18.21 -32.16
CA ASN D 153 -13.95 -16.84 -31.69
C ASN D 153 -14.06 -16.71 -30.17
N LYS D 154 -13.82 -15.51 -29.67
CA LYS D 154 -13.86 -15.24 -28.24
C LYS D 154 -15.21 -15.53 -27.57
N VAL D 155 -16.32 -15.37 -28.26
CA VAL D 155 -17.58 -15.64 -27.57
C VAL D 155 -17.86 -17.12 -27.45
N PHE D 156 -17.51 -17.88 -28.50
CA PHE D 156 -17.76 -19.31 -28.46
C PHE D 156 -16.70 -20.05 -27.65
N ALA D 157 -15.50 -19.48 -27.60
CA ALA D 157 -14.41 -20.05 -26.82
C ALA D 157 -14.87 -19.96 -25.37
N LYS D 158 -15.52 -18.84 -25.06
CA LYS D 158 -16.00 -18.61 -23.71
C LYS D 158 -17.18 -19.55 -23.40
N ILE D 159 -18.09 -19.69 -24.36
CA ILE D 159 -19.23 -20.57 -24.17
C ILE D 159 -18.68 -21.95 -23.82
N ALA D 160 -17.65 -22.36 -24.55
CA ALA D 160 -17.00 -23.64 -24.31
C ALA D 160 -16.63 -23.67 -22.83
N ALA D 161 -15.77 -22.75 -22.41
CA ALA D 161 -15.38 -22.70 -21.01
C ALA D 161 -16.62 -22.83 -20.13
N ASP D 162 -17.58 -21.94 -20.35
CA ASP D 162 -18.82 -21.92 -19.58
C ASP D 162 -19.48 -23.28 -19.45
N MET D 163 -19.26 -24.16 -20.42
CA MET D 163 -19.87 -25.48 -20.42
C MET D 163 -19.03 -26.59 -19.78
N ALA D 164 -17.71 -26.48 -19.86
CA ALA D 164 -16.81 -27.49 -19.32
C ALA D 164 -16.47 -27.32 -17.84
N LYS D 165 -16.72 -26.14 -17.28
CA LYS D 165 -16.40 -25.88 -15.87
C LYS D 165 -16.89 -26.97 -14.91
N PRO D 166 -16.00 -27.42 -14.00
CA PRO D 166 -14.62 -26.96 -13.87
C PRO D 166 -13.61 -28.04 -14.19
N ASN D 167 -12.36 -27.62 -14.22
CA ASN D 167 -11.20 -28.48 -14.49
C ASN D 167 -11.40 -29.19 -15.81
N GLY D 168 -12.14 -28.55 -16.69
CA GLY D 168 -12.40 -29.14 -17.96
C GLY D 168 -11.76 -28.39 -19.09
N ILE D 169 -11.98 -28.90 -20.30
CA ILE D 169 -11.47 -28.28 -21.50
C ILE D 169 -12.48 -28.77 -22.51
N LYS D 170 -12.84 -27.92 -23.47
CA LYS D 170 -13.84 -28.30 -24.48
C LYS D 170 -13.66 -27.53 -25.79
N VAL D 171 -13.79 -28.24 -26.91
CA VAL D 171 -13.60 -27.61 -28.21
C VAL D 171 -14.80 -27.55 -29.11
N ILE D 172 -15.55 -26.46 -29.00
CA ILE D 172 -16.73 -26.23 -29.82
C ILE D 172 -16.29 -26.12 -31.28
N ASP D 173 -16.54 -27.17 -32.06
CA ASP D 173 -16.14 -27.21 -33.47
C ASP D 173 -17.04 -26.39 -34.40
N ASP D 174 -16.51 -26.02 -35.56
CA ASP D 174 -17.24 -25.23 -36.54
C ASP D 174 -18.69 -25.67 -36.72
N GLU D 175 -18.94 -26.94 -36.53
CA GLU D 175 -20.30 -27.44 -36.67
C GLU D 175 -21.03 -27.38 -35.32
N GLU D 176 -20.25 -27.32 -34.25
CA GLU D 176 -20.81 -27.23 -32.91
C GLU D 176 -21.42 -25.84 -32.78
N VAL D 177 -20.75 -24.85 -33.36
CA VAL D 177 -21.22 -23.48 -33.32
C VAL D 177 -22.61 -23.40 -33.92
N LYS D 178 -22.71 -23.73 -35.20
CA LYS D 178 -23.97 -23.70 -35.91
C LYS D 178 -25.07 -24.46 -35.16
N ARG D 179 -24.67 -25.52 -34.47
CA ARG D 179 -25.62 -26.33 -33.71
C ARG D 179 -26.07 -25.57 -32.45
N LEU D 180 -25.16 -24.82 -31.86
CA LEU D 180 -25.47 -24.05 -30.65
C LEU D 180 -26.14 -22.72 -30.98
N ILE D 181 -25.74 -22.11 -32.11
CA ILE D 181 -26.31 -20.83 -32.53
C ILE D 181 -27.82 -20.86 -32.49
N ARG D 182 -28.40 -22.04 -32.70
CA ARG D 182 -29.84 -22.17 -32.67
C ARG D 182 -30.27 -22.85 -31.36
N GLU D 183 -29.55 -23.90 -30.98
CA GLU D 183 -29.88 -24.64 -29.78
C GLU D 183 -29.59 -23.97 -28.44
N LEU D 184 -28.45 -23.31 -28.33
CA LEU D 184 -28.07 -22.64 -27.08
C LEU D 184 -29.07 -21.60 -26.60
N ASP D 185 -29.26 -21.52 -25.28
CA ASP D 185 -30.16 -20.55 -24.67
C ASP D 185 -29.69 -19.17 -25.10
N ILE D 186 -30.24 -18.14 -24.48
CA ILE D 186 -29.81 -16.78 -24.79
C ILE D 186 -29.27 -16.20 -23.49
N ALA D 187 -29.82 -16.68 -22.38
CA ALA D 187 -29.40 -16.27 -21.05
C ALA D 187 -28.08 -16.98 -20.74
N ASP D 188 -27.44 -17.49 -21.79
CA ASP D 188 -26.16 -18.19 -21.67
C ASP D 188 -25.15 -17.55 -22.60
N VAL D 189 -25.58 -16.52 -23.32
CA VAL D 189 -24.68 -15.82 -24.23
C VAL D 189 -23.94 -14.70 -23.49
N PRO D 190 -22.60 -14.73 -23.56
CA PRO D 190 -21.81 -13.70 -22.88
C PRO D 190 -22.31 -12.30 -23.21
N GLY D 191 -22.53 -11.49 -22.18
CA GLY D 191 -22.99 -10.13 -22.41
C GLY D 191 -24.45 -9.90 -22.11
N ILE D 192 -25.25 -10.97 -22.18
CA ILE D 192 -26.68 -10.84 -21.93
C ILE D 192 -26.95 -11.22 -20.48
N GLY D 193 -27.47 -10.28 -19.71
CA GLY D 193 -27.74 -10.53 -18.30
C GLY D 193 -29.14 -10.98 -17.95
N ASN D 194 -29.90 -10.09 -17.32
CA ASN D 194 -31.26 -10.37 -16.90
C ASN D 194 -32.20 -9.41 -17.61
N ILE D 195 -31.79 -8.15 -17.68
CA ILE D 195 -32.59 -7.11 -18.32
C ILE D 195 -32.49 -7.24 -19.84
N THR D 196 -31.39 -7.82 -20.32
CA THR D 196 -31.22 -8.02 -21.75
C THR D 196 -31.75 -9.41 -22.09
N ALA D 197 -32.13 -10.14 -21.05
CA ALA D 197 -32.69 -11.48 -21.23
C ALA D 197 -34.20 -11.35 -21.11
N GLU D 198 -34.64 -10.55 -20.14
CA GLU D 198 -36.06 -10.33 -19.89
C GLU D 198 -36.74 -9.44 -20.92
N LYS D 199 -35.97 -8.63 -21.64
CA LYS D 199 -36.56 -7.76 -22.65
C LYS D 199 -36.63 -8.50 -23.97
N LEU D 200 -36.04 -9.69 -24.00
CA LEU D 200 -36.04 -10.54 -25.18
C LEU D 200 -37.11 -11.62 -24.97
N LYS D 201 -37.19 -12.08 -23.73
CA LYS D 201 -38.16 -13.09 -23.32
C LYS D 201 -39.59 -12.64 -23.60
N LYS D 202 -39.99 -11.51 -23.01
CA LYS D 202 -41.33 -10.97 -23.21
C LYS D 202 -41.55 -10.61 -24.67
N LEU D 203 -40.46 -10.61 -25.44
CA LEU D 203 -40.55 -10.29 -26.86
C LEU D 203 -40.62 -11.59 -27.65
N GLY D 204 -40.25 -12.70 -27.00
CA GLY D 204 -40.31 -14.00 -27.65
C GLY D 204 -39.00 -14.62 -28.08
N ILE D 205 -37.89 -14.14 -27.54
CA ILE D 205 -36.58 -14.69 -27.90
C ILE D 205 -35.96 -15.47 -26.74
N ASN D 206 -35.94 -16.79 -26.88
CA ASN D 206 -35.38 -17.67 -25.86
C ASN D 206 -34.00 -18.12 -26.30
N LYS D 207 -33.84 -18.29 -27.60
CA LYS D 207 -32.57 -18.73 -28.15
C LYS D 207 -31.91 -17.64 -28.95
N LEU D 208 -30.65 -17.89 -29.31
CA LEU D 208 -29.86 -16.93 -30.06
C LEU D 208 -30.34 -16.76 -31.49
N VAL D 209 -31.01 -17.78 -32.01
CA VAL D 209 -31.51 -17.75 -33.39
C VAL D 209 -32.77 -16.91 -33.55
N ASP D 210 -33.51 -16.75 -32.45
CA ASP D 210 -34.72 -15.95 -32.47
C ASP D 210 -34.35 -14.52 -32.85
N THR D 211 -33.09 -14.16 -32.57
CA THR D 211 -32.60 -12.81 -32.86
C THR D 211 -32.36 -12.61 -34.35
N LEU D 212 -32.94 -13.47 -35.17
CA LEU D 212 -32.78 -13.37 -36.61
C LEU D 212 -34.13 -13.10 -37.27
N SER D 213 -35.18 -13.54 -36.58
CA SER D 213 -36.55 -13.34 -37.04
C SER D 213 -36.68 -11.84 -37.33
N ILE D 214 -37.01 -11.07 -36.30
CA ILE D 214 -37.17 -9.61 -36.42
C ILE D 214 -35.87 -8.90 -36.83
N GLU D 215 -36.01 -7.82 -37.59
CA GLU D 215 -34.86 -7.04 -38.06
C GLU D 215 -34.44 -5.90 -37.11
N PHE D 216 -33.28 -5.32 -37.42
CA PHE D 216 -32.67 -4.25 -36.63
C PHE D 216 -33.59 -3.36 -35.82
N ASP D 217 -34.22 -2.39 -36.49
CA ASP D 217 -35.10 -1.44 -35.82
C ASP D 217 -36.29 -2.04 -35.07
N LYS D 218 -36.09 -2.26 -33.78
CA LYS D 218 -37.10 -2.80 -32.85
C LYS D 218 -36.37 -3.40 -31.67
N LEU D 219 -35.56 -4.43 -31.93
CA LEU D 219 -34.78 -5.03 -30.84
C LEU D 219 -33.92 -3.87 -30.37
N LYS D 220 -33.51 -3.07 -31.35
CA LYS D 220 -32.72 -1.88 -31.12
C LYS D 220 -33.25 -1.19 -29.87
N GLY D 221 -34.51 -0.78 -29.93
CA GLY D 221 -35.13 -0.09 -28.81
C GLY D 221 -35.61 -0.99 -27.69
N MET D 222 -35.02 -2.17 -27.58
CA MET D 222 -35.41 -3.10 -26.53
C MET D 222 -34.23 -3.75 -25.80
N ILE D 223 -33.02 -3.44 -26.27
CA ILE D 223 -31.79 -3.95 -25.66
C ILE D 223 -30.65 -3.00 -26.04
N GLY D 224 -30.85 -2.25 -27.12
CA GLY D 224 -29.83 -1.33 -27.55
C GLY D 224 -29.27 -1.69 -28.92
N GLU D 225 -28.95 -0.67 -29.70
CA GLU D 225 -28.40 -0.84 -31.04
C GLU D 225 -26.99 -1.40 -31.08
N ALA D 226 -26.31 -1.38 -29.93
CA ALA D 226 -24.93 -1.89 -29.86
C ALA D 226 -24.90 -3.37 -29.46
N LYS D 227 -25.80 -3.75 -28.56
CA LYS D 227 -25.89 -5.13 -28.10
C LYS D 227 -26.74 -5.95 -29.05
N ALA D 228 -27.62 -5.27 -29.79
CA ALA D 228 -28.47 -5.95 -30.75
C ALA D 228 -27.59 -6.26 -31.96
N LYS D 229 -26.79 -5.28 -32.37
CA LYS D 229 -25.89 -5.50 -33.49
C LYS D 229 -24.82 -6.51 -33.05
N TYR D 230 -25.09 -7.14 -31.90
CA TYR D 230 -24.19 -8.14 -31.31
C TYR D 230 -24.87 -9.49 -31.37
N LEU D 231 -25.94 -9.67 -30.60
CA LEU D 231 -26.65 -10.93 -30.62
C LEU D 231 -26.82 -11.43 -32.06
N ILE D 232 -27.28 -10.56 -32.95
CA ILE D 232 -27.47 -10.92 -34.35
C ILE D 232 -26.18 -11.34 -35.03
N SER D 233 -25.22 -10.41 -35.12
CA SER D 233 -23.95 -10.68 -35.76
C SER D 233 -23.38 -12.03 -35.35
N LEU D 234 -23.87 -12.55 -34.23
CA LEU D 234 -23.45 -13.85 -33.73
C LEU D 234 -24.32 -14.92 -34.35
N ALA D 235 -25.58 -14.94 -33.94
CA ALA D 235 -26.55 -15.92 -34.45
C ALA D 235 -26.45 -16.10 -35.96
N ARG D 236 -25.95 -15.08 -36.65
CA ARG D 236 -25.81 -15.19 -38.10
C ARG D 236 -24.32 -15.32 -38.40
N ASP D 237 -23.70 -16.19 -37.61
CA ASP D 237 -22.28 -16.54 -37.64
C ASP D 237 -21.40 -15.65 -38.49
N GLU D 238 -21.01 -14.52 -37.91
CA GLU D 238 -20.15 -13.57 -38.59
C GLU D 238 -19.33 -12.84 -37.54
N TYR D 239 -19.78 -12.93 -36.28
CA TYR D 239 -19.06 -12.31 -35.18
C TYR D 239 -17.60 -12.72 -35.23
N ASN D 240 -16.71 -11.74 -35.22
CA ASN D 240 -15.29 -12.00 -35.24
C ASN D 240 -14.53 -10.76 -34.83
N GLU D 241 -14.59 -10.44 -33.53
CA GLU D 241 -13.89 -9.28 -32.99
C GLU D 241 -12.51 -9.81 -32.59
N PRO D 242 -11.46 -9.07 -32.94
CA PRO D 242 -10.07 -9.46 -32.64
C PRO D 242 -9.72 -9.61 -31.17
N ILE D 243 -8.56 -10.23 -30.92
CA ILE D 243 -8.08 -10.38 -29.56
C ILE D 243 -7.13 -9.23 -29.33
N ARG D 244 -7.72 -8.11 -28.95
CA ARG D 244 -6.96 -6.91 -28.68
C ARG D 244 -6.55 -6.94 -27.22
N THR D 245 -5.37 -6.41 -26.95
CA THR D 245 -4.87 -6.33 -25.58
C THR D 245 -5.58 -5.12 -25.00
N ARG D 246 -6.41 -5.33 -23.99
CA ARG D 246 -7.15 -4.22 -23.39
C ARG D 246 -6.37 -3.51 -22.28
N VAL D 247 -6.84 -2.33 -21.89
CA VAL D 247 -6.21 -1.54 -20.85
C VAL D 247 -7.27 -1.07 -19.88
N ARG D 248 -6.86 -0.76 -18.65
CA ARG D 248 -7.83 -0.29 -17.68
C ARG D 248 -8.16 1.15 -18.04
N LYS D 249 -9.42 1.53 -17.80
CA LYS D 249 -9.91 2.88 -18.11
C LYS D 249 -10.71 3.53 -16.99
N SER D 250 -10.70 2.97 -15.80
CA SER D 250 -11.51 3.54 -14.75
C SER D 250 -11.26 2.97 -13.37
N ILE D 251 -10.08 3.24 -12.83
CA ILE D 251 -9.73 2.75 -11.50
C ILE D 251 -10.53 3.53 -10.45
N GLY D 252 -10.82 2.91 -9.32
CA GLY D 252 -11.60 3.59 -8.29
C GLY D 252 -11.98 2.74 -7.10
N ARG D 253 -12.71 3.32 -6.14
CA ARG D 253 -13.11 2.60 -4.95
C ARG D 253 -14.40 3.23 -4.43
N ILE D 254 -15.10 2.52 -3.55
CA ILE D 254 -16.36 3.01 -2.95
C ILE D 254 -16.48 2.29 -1.63
N VAL D 255 -16.97 2.94 -0.60
CA VAL D 255 -17.04 2.28 0.69
C VAL D 255 -18.33 2.48 1.43
N THR D 256 -18.54 1.68 2.47
CA THR D 256 -19.74 1.80 3.27
C THR D 256 -19.43 2.43 4.61
N MET D 257 -20.31 3.33 5.04
CA MET D 257 -20.13 4.01 6.30
C MET D 257 -20.83 3.21 7.39
N LYS D 258 -20.31 3.26 8.62
CA LYS D 258 -20.91 2.51 9.71
C LYS D 258 -22.31 3.07 9.98
N ARG D 259 -22.41 4.39 10.04
CA ARG D 259 -23.69 5.05 10.25
C ARG D 259 -24.02 5.84 8.99
N ASN D 260 -25.25 5.72 8.51
CA ASN D 260 -25.67 6.47 7.31
C ASN D 260 -25.65 7.94 7.71
N SER D 261 -25.55 8.85 6.73
CA SER D 261 -25.51 10.27 7.03
C SER D 261 -25.35 11.20 5.82
N ARG D 262 -25.39 12.50 6.09
CA ARG D 262 -25.22 13.51 5.06
C ARG D 262 -24.51 14.70 5.72
N ASN D 263 -23.59 14.36 6.62
CA ASN D 263 -22.83 15.34 7.38
C ASN D 263 -21.40 15.66 6.90
N LEU D 264 -21.28 16.16 5.67
CA LEU D 264 -19.99 16.56 5.09
C LEU D 264 -18.73 16.12 5.87
N GLU D 265 -18.48 16.77 7.01
CA GLU D 265 -17.30 16.48 7.86
C GLU D 265 -17.29 15.06 8.44
N GLU D 266 -18.43 14.39 8.34
CA GLU D 266 -18.59 13.02 8.84
C GLU D 266 -18.42 12.07 7.67
N ILE D 267 -18.68 12.56 6.47
CA ILE D 267 -18.58 11.76 5.26
C ILE D 267 -17.23 11.96 4.58
N LYS D 268 -16.54 13.03 4.96
CA LYS D 268 -15.25 13.37 4.38
C LYS D 268 -14.14 12.34 4.63
N PRO D 269 -13.95 11.93 5.90
CA PRO D 269 -12.90 10.95 6.24
C PRO D 269 -12.99 9.61 5.52
N TYR D 270 -14.18 9.27 5.03
CA TYR D 270 -14.35 8.00 4.31
C TYR D 270 -14.05 8.24 2.85
N LEU D 271 -14.75 9.20 2.26
CA LEU D 271 -14.54 9.58 0.87
C LEU D 271 -13.06 9.80 0.61
N PHE D 272 -12.32 10.16 1.64
CA PHE D 272 -10.90 10.37 1.49
C PHE D 272 -10.17 9.04 1.35
N ARG D 273 -10.53 8.06 2.19
CA ARG D 273 -9.94 6.72 2.17
C ARG D 273 -10.03 6.16 0.77
N ALA D 274 -11.19 6.36 0.15
CA ALA D 274 -11.38 5.93 -1.21
C ALA D 274 -10.33 6.61 -2.10
N ILE D 275 -10.12 7.91 -1.92
CA ILE D 275 -9.14 8.59 -2.77
C ILE D 275 -7.75 8.01 -2.66
N GLU D 276 -7.37 7.55 -1.48
CA GLU D 276 -6.06 6.95 -1.28
C GLU D 276 -6.00 5.60 -1.97
N GLU D 277 -6.94 4.71 -1.61
CA GLU D 277 -7.01 3.40 -2.22
C GLU D 277 -6.87 3.59 -3.72
N SER D 278 -7.77 4.40 -4.27
CA SER D 278 -7.78 4.69 -5.70
C SER D 278 -6.42 5.10 -6.23
N TYR D 279 -5.70 5.90 -5.46
CA TYR D 279 -4.38 6.36 -5.90
C TYR D 279 -3.31 5.30 -5.69
N TYR D 280 -3.59 4.32 -4.85
CA TYR D 280 -2.64 3.24 -4.67
C TYR D 280 -2.76 2.37 -5.89
N LYS D 281 -3.99 2.11 -6.32
CA LYS D 281 -4.23 1.31 -7.51
C LYS D 281 -3.70 2.01 -8.73
N LEU D 282 -4.10 3.25 -8.92
CA LEU D 282 -3.67 4.01 -10.09
C LEU D 282 -2.25 3.75 -10.57
N ASP D 283 -1.39 3.20 -9.71
CA ASP D 283 -0.02 2.88 -10.11
C ASP D 283 0.77 4.12 -10.53
N LYS D 284 0.85 4.37 -11.83
CA LYS D 284 1.56 5.53 -12.38
C LYS D 284 0.65 6.24 -13.36
N ARG D 285 -0.63 5.93 -13.33
CA ARG D 285 -1.57 6.57 -14.23
C ARG D 285 -1.99 7.92 -13.66
N ILE D 286 -2.17 8.89 -14.56
CA ILE D 286 -2.57 10.24 -14.19
C ILE D 286 -3.92 10.53 -14.84
N PRO D 287 -5.00 10.42 -14.04
CA PRO D 287 -6.34 10.67 -14.56
C PRO D 287 -6.64 12.14 -14.83
N LYS D 288 -7.55 12.38 -15.78
CA LYS D 288 -7.96 13.74 -16.12
C LYS D 288 -9.42 13.98 -15.73
N ALA D 289 -10.03 12.96 -15.13
CA ALA D 289 -11.40 13.08 -14.70
C ALA D 289 -11.58 12.36 -13.37
N ILE D 290 -12.53 12.84 -12.58
CA ILE D 290 -12.85 12.29 -11.27
C ILE D 290 -14.36 12.39 -11.06
N HIS D 291 -14.94 11.36 -10.46
CA HIS D 291 -16.36 11.36 -10.21
C HIS D 291 -16.53 10.90 -8.80
N VAL D 292 -17.54 11.43 -8.12
CA VAL D 292 -17.79 10.99 -6.76
C VAL D 292 -19.08 10.24 -6.89
N VAL D 293 -19.14 9.08 -6.27
CA VAL D 293 -20.36 8.27 -6.34
C VAL D 293 -20.81 7.96 -4.93
N ALA D 294 -22.13 7.90 -4.74
CA ALA D 294 -22.65 7.64 -3.41
C ALA D 294 -24.02 7.04 -3.51
N VAL D 295 -24.24 5.97 -2.77
CA VAL D 295 -25.53 5.32 -2.74
C VAL D 295 -26.32 5.96 -1.63
N THR D 296 -27.54 6.40 -1.95
CA THR D 296 -28.40 7.04 -0.97
C THR D 296 -28.88 6.02 0.06
N GLU D 297 -30.09 5.51 -0.11
CA GLU D 297 -30.62 4.49 0.76
C GLU D 297 -31.48 3.63 -0.15
N ASP D 298 -32.52 4.25 -0.71
CA ASP D 298 -33.40 3.57 -1.64
C ASP D 298 -32.58 3.04 -2.82
N LEU D 299 -31.26 3.04 -2.63
CA LEU D 299 -30.28 2.55 -3.58
C LEU D 299 -29.95 3.42 -4.78
N ASP D 300 -30.92 4.09 -5.39
CA ASP D 300 -30.62 4.91 -6.56
C ASP D 300 -29.31 5.64 -6.29
N ILE D 301 -28.33 5.38 -7.15
CA ILE D 301 -27.00 5.99 -7.05
C ILE D 301 -26.97 7.34 -7.77
N VAL D 302 -26.28 8.30 -7.17
CA VAL D 302 -26.15 9.63 -7.76
C VAL D 302 -24.67 9.97 -7.74
N SER D 303 -24.15 10.46 -8.87
CA SER D 303 -22.75 10.80 -8.95
C SER D 303 -22.44 12.02 -9.81
N ARG D 304 -21.57 12.89 -9.30
CA ARG D 304 -21.18 14.10 -10.00
C ARG D 304 -19.70 13.97 -10.34
N GLY D 305 -19.35 14.39 -11.55
CA GLY D 305 -17.97 14.30 -11.98
C GLY D 305 -17.43 15.65 -12.39
N ARG D 306 -16.22 15.65 -12.93
CA ARG D 306 -15.54 16.86 -13.36
C ARG D 306 -14.36 16.42 -14.21
N THR D 307 -14.22 17.02 -15.39
CA THR D 307 -13.15 16.67 -16.31
C THR D 307 -12.21 17.85 -16.51
N PHE D 308 -10.92 17.65 -16.22
CA PHE D 308 -9.93 18.71 -16.40
C PHE D 308 -9.14 18.54 -17.69
N PRO D 309 -8.73 19.64 -18.30
CA PRO D 309 -7.95 19.61 -19.54
C PRO D 309 -6.50 19.18 -19.28
N HIS D 310 -6.26 18.62 -18.10
CA HIS D 310 -4.94 18.18 -17.62
C HIS D 310 -5.13 17.15 -16.48
N GLY D 311 -4.04 16.59 -15.96
CA GLY D 311 -4.14 15.58 -14.93
C GLY D 311 -4.40 15.98 -13.49
N ILE D 312 -5.31 15.27 -12.83
CA ILE D 312 -5.62 15.59 -11.45
C ILE D 312 -4.50 14.96 -10.63
N SER D 313 -4.21 15.52 -9.46
CA SER D 313 -3.17 14.95 -8.61
C SER D 313 -3.84 14.64 -7.29
N LYS D 314 -3.16 13.92 -6.41
CA LYS D 314 -3.74 13.52 -5.13
C LYS D 314 -4.16 14.69 -4.27
N GLU D 315 -3.30 15.68 -4.20
CA GLU D 315 -3.61 16.85 -3.42
C GLU D 315 -4.91 17.40 -3.98
N THR D 316 -4.91 17.78 -5.25
CA THR D 316 -6.13 18.33 -5.86
C THR D 316 -7.32 17.37 -5.97
N ALA D 317 -7.05 16.06 -5.80
CA ALA D 317 -8.11 15.05 -5.86
C ALA D 317 -8.91 15.17 -4.58
N TYR D 318 -8.20 15.48 -3.50
CA TYR D 318 -8.84 15.66 -2.21
C TYR D 318 -9.74 16.90 -2.28
N SER D 319 -9.19 18.02 -2.75
CA SER D 319 -9.91 19.26 -2.86
C SER D 319 -11.16 19.15 -3.72
N GLU D 320 -10.95 18.83 -4.98
CA GLU D 320 -12.04 18.70 -5.95
C GLU D 320 -13.14 17.73 -5.55
N SER D 321 -12.78 16.65 -4.86
CA SER D 321 -13.75 15.65 -4.44
C SER D 321 -14.80 16.18 -3.46
N VAL D 322 -14.39 17.06 -2.56
CA VAL D 322 -15.33 17.62 -1.61
C VAL D 322 -16.36 18.50 -2.33
N LYS D 323 -15.93 19.22 -3.36
CA LYS D 323 -16.87 20.06 -4.09
C LYS D 323 -18.00 19.14 -4.55
N LEU D 324 -17.63 18.16 -5.38
CA LEU D 324 -18.55 17.17 -5.93
C LEU D 324 -19.42 16.52 -4.87
N LEU D 325 -18.88 16.31 -3.68
CA LEU D 325 -19.71 15.72 -2.64
C LEU D 325 -20.71 16.78 -2.18
N GLN D 326 -20.28 18.03 -2.18
CA GLN D 326 -21.17 19.12 -1.78
C GLN D 326 -22.25 19.21 -2.84
N LYS D 327 -21.85 19.25 -4.11
CA LYS D 327 -22.81 19.36 -5.20
C LYS D 327 -23.93 18.32 -5.07
N ILE D 328 -23.59 17.13 -4.60
CA ILE D 328 -24.59 16.08 -4.44
C ILE D 328 -25.56 16.44 -3.33
N LEU D 329 -25.04 16.60 -2.12
CA LEU D 329 -25.87 16.95 -0.96
C LEU D 329 -26.71 18.20 -1.29
N GLU D 330 -26.40 18.84 -2.41
CA GLU D 330 -27.13 20.02 -2.82
C GLU D 330 -28.31 19.66 -3.75
N GLU D 331 -28.04 18.83 -4.75
CA GLU D 331 -29.04 18.38 -5.71
C GLU D 331 -30.00 17.33 -5.14
N ASP D 332 -29.45 16.35 -4.43
CA ASP D 332 -30.25 15.28 -3.82
C ASP D 332 -30.18 15.42 -2.31
N GLU D 333 -31.30 15.20 -1.63
CA GLU D 333 -31.31 15.33 -0.18
C GLU D 333 -31.64 14.06 0.62
N ARG D 334 -31.37 12.90 0.03
CA ARG D 334 -31.60 11.62 0.71
C ARG D 334 -30.49 11.52 1.77
N LYS D 335 -29.80 10.39 1.79
CA LYS D 335 -28.71 10.20 2.74
C LYS D 335 -27.66 9.27 2.16
N ILE D 336 -26.39 9.61 2.35
CA ILE D 336 -25.33 8.76 1.81
C ILE D 336 -25.13 7.52 2.68
N ARG D 337 -24.92 6.39 2.01
CA ARG D 337 -24.74 5.10 2.67
C ARG D 337 -23.47 4.44 2.18
N ARG D 338 -23.09 4.79 0.95
CA ARG D 338 -21.90 4.28 0.29
C ARG D 338 -21.31 5.48 -0.46
N ILE D 339 -20.07 5.84 -0.16
CA ILE D 339 -19.45 6.98 -0.83
C ILE D 339 -18.14 6.55 -1.45
N GLY D 340 -17.83 7.04 -2.65
CA GLY D 340 -16.59 6.64 -3.27
C GLY D 340 -16.11 7.53 -4.38
N VAL D 341 -14.87 7.31 -4.82
CA VAL D 341 -14.27 8.09 -5.90
C VAL D 341 -14.03 7.16 -7.06
N ARG D 342 -13.79 7.72 -8.23
CA ARG D 342 -13.58 6.92 -9.42
C ARG D 342 -12.88 7.77 -10.46
N PHE D 343 -11.65 7.38 -10.79
CA PHE D 343 -10.84 8.12 -11.75
C PHE D 343 -10.86 7.50 -13.13
N SER D 344 -10.67 8.34 -14.15
CA SER D 344 -10.70 7.91 -15.56
C SER D 344 -10.10 8.95 -16.49
N LYS D 345 -9.95 8.59 -17.77
CA LYS D 345 -9.38 9.51 -18.77
C LYS D 345 -7.87 9.68 -18.65
N PHE D 346 -7.20 8.63 -18.19
CA PHE D 346 -5.76 8.60 -18.01
C PHE D 346 -4.98 9.28 -19.13
N ILE D 347 -3.72 9.62 -18.83
CA ILE D 347 -2.83 10.31 -19.76
C ILE D 347 -1.89 9.34 -20.50
N1 DCP G . 13.65 8.55 14.76
C2 DCP G . 13.58 7.41 13.89
N3 DCP G . 13.23 6.21 14.45
C4 DCP G . 12.95 6.12 15.78
C5 DCP G . 13.01 7.25 16.66
C6 DCP G . 13.37 8.43 16.07
O2 DCP G . 13.83 7.54 12.67
N4 DCP G . 12.64 4.94 16.26
C1' DCP G . 14.03 9.98 14.27
C2' DCP G . 12.65 10.58 13.87
C3' DCP G . 12.79 12.03 13.96
C4' DCP G . 14.15 12.21 14.62
O4' DCP G . 14.74 10.89 15.09
O3' DCP G . 12.60 12.63 12.92
C5' DCP G . 14.00 12.90 15.93
O5' DCP G . 13.53 14.04 16.02
PA DCP G . 12.55 14.45 17.31
O1A DCP G . 12.24 13.47 18.41
O2A DCP G . 13.18 15.75 17.85
O3A DCP G . 11.19 14.92 16.77
PB DCP G . 10.90 15.96 15.55
O1B DCP G . 11.95 16.57 14.70
O2B DCP G . 9.88 16.99 16.05
O3B DCP G . 10.18 14.82 14.89
PG DCP G . 8.76 14.59 14.71
O1G DCP G . 8.47 14.54 13.14
O2G DCP G . 7.91 15.74 15.36
O3G DCP G . 8.36 13.31 15.39
CA CA H . 7.25 16.36 17.93
C8A AFN I . 9.84 1.02 12.82
C9 AFN I . 9.23 2.06 13.89
O9 AFN I . 8.80 1.45 15.11
C9A AFN I . 8.02 2.68 13.18
C9B AFN I . 8.37 3.86 12.32
O7 AFN I . 8.61 0.49 12.38
C6A AFN I . 7.67 1.58 12.16
O6A AFN I . 7.85 2.19 10.84
C5A AFN I . 8.26 3.50 11.01
C5B AFN I . 8.57 4.43 9.98
C4B AFN I . 9.00 5.77 10.35
O4 AFN I . 9.33 6.71 9.42
CM AFN I . 9.36 6.55 8.03
C4A AFN I . 9.07 6.15 11.77
C10 AFN I . 8.75 5.15 12.73
O10 AFN I . 8.81 5.42 14.08
C11 AFN I . 9.17 6.68 14.62
O11 AFN I . 9.16 6.77 15.83
C12 AFN I . 9.47 7.70 13.65
C3A AFN I . 9.43 7.43 12.28
C3 AFN I . 9.80 8.67 11.51
C2A AFN I . 10.02 9.71 12.57
C1 AFN I . 9.82 9.04 13.93
O1 AFN I . 9.96 9.66 15.00
N1 DCP J . -16.71 -9.89 -11.89
C2 DCP J . -16.83 -8.68 -11.15
N3 DCP J . -18.10 -8.21 -10.86
C4 DCP J . -19.22 -8.88 -11.26
C5 DCP J . -19.13 -10.11 -12.01
C6 DCP J . -17.86 -10.57 -12.29
O2 DCP J . -15.79 -8.09 -10.80
N4 DCP J . -20.40 -8.38 -10.94
C1' DCP J . -15.31 -10.53 -12.27
C2' DCP J . -15.24 -11.81 -11.34
C3' DCP J . -14.89 -12.94 -12.21
C4' DCP J . -14.77 -12.35 -13.60
O4' DCP J . -15.08 -10.90 -13.61
O3' DCP J . -13.93 -13.61 -11.80
C5' DCP J . -15.92 -12.64 -14.49
O5' DCP J . -16.29 -13.70 -14.90
PA DCP J . -17.70 -14.29 -14.26
O1A DCP J . -18.57 -14.63 -15.51
O2A DCP J . -18.47 -13.56 -13.22
O3A DCP J . -17.37 -15.66 -13.67
PB DCP J . -16.53 -16.83 -14.39
O1B DCP J . -15.91 -16.70 -15.73
O2B DCP J . -17.32 -18.15 -14.24
O3B DCP J . -15.54 -16.69 -13.23
PG DCP J . -15.27 -17.54 -12.05
O1G DCP J . -13.77 -18.03 -12.13
O2G DCP J . -16.21 -18.83 -12.03
O3G DCP J . -15.54 -16.81 -10.80
CA CA K . -26.24 -14.70 -18.91
C8A AFN L . -22.59 -5.53 -5.92
C9 AFN L . -22.95 -6.99 -6.41
O9 AFN L . -24.35 -7.17 -6.62
C9A AFN L . -22.48 -7.95 -5.28
C9B AFN L . -21.00 -8.33 -5.31
O7 AFN L . -23.00 -5.71 -4.54
C6A AFN L . -22.55 -7.02 -4.05
O6A AFN L . -21.23 -6.93 -3.48
C5A AFN L . -20.39 -7.69 -4.24
C5B AFN L . -19.00 -7.82 -4.01
C4B AFN L . -18.20 -8.63 -4.91
O4 AFN L . -16.87 -8.76 -4.72
CM AFN L . -16.09 -8.15 -3.67
C4A AFN L . -18.85 -9.32 -6.04
C10 AFN L . -20.27 -9.14 -6.22
O10 AFN L . -20.92 -9.78 -7.29
C11 AFN L . -20.26 -10.62 -8.26
O11 AFN L . -20.95 -11.12 -9.15
C12 AFN L . -18.83 -10.79 -8.07
C3A AFN L . -18.17 -10.16 -7.00
C3 AFN L . -16.71 -10.51 -7.05
C2A AFN L . -16.57 -11.42 -8.25
C1 AFN L . -17.95 -11.57 -8.87
O1 AFN L . -18.14 -12.26 -9.87
#